data_7E7M
#
_entry.id   7E7M
#
_cell.length_a   39.631
_cell.length_b   151.220
_cell.length_c   169.856
_cell.angle_alpha   90.000
_cell.angle_beta   90.000
_cell.angle_gamma   90.000
#
_symmetry.space_group_name_H-M   'P 21 21 21'
#
loop_
_entity.id
_entity.type
_entity.pdbx_description
1 polymer 'D-ribose ABC transporter substrate-binding protein'
2 non-polymer beta-D-ribopyranose
3 water water
#
_entity_poly.entity_id   1
_entity_poly.type   'polypeptide(L)'
_entity_poly.pdbx_seq_one_letter_code
;MKFGKKLGFLALLMSIVLILGACGKTGLGNSSENSTKNVTKKSAKDLKLGVSISTTNNPYFVAMKDGIDKYASNKKISIK
VADAQDDAARQADDVQNFISQNVDAILINPVDSKAIVTAIKSANNANIPVILMDRGSEGGKVLTTVASDNVAAGKMAADY
AVKKLGKKAKAFELSGVPGASATVDRGKGFHSVAKSKLDMLSSQSANFDRAKALNTTQNMIQGHKDVQIIFAQNDEMALG
AAQAVKSAGLQNVLIVGIDGQPDAHDAIKKGDISATIAQQPAKMGEIAIQAAIDYYKGKKVEKETISPIYLVTKDNVEKY
NW
;
_entity_poly.pdbx_strand_id   A,B,C,D
#
# COMPACT_ATOMS: atom_id res chain seq x y z
N THR A 40 29.02 36.34 -24.96
CA THR A 40 27.78 36.92 -24.38
C THR A 40 27.46 36.18 -23.08
N LYS A 41 27.82 36.75 -21.94
CA LYS A 41 27.53 36.12 -20.63
C LYS A 41 26.87 37.14 -19.70
N LYS A 42 25.55 37.08 -19.54
CA LYS A 42 24.89 38.00 -18.56
C LYS A 42 24.61 37.24 -17.28
N SER A 43 24.22 37.97 -16.23
CA SER A 43 23.96 37.36 -14.91
C SER A 43 22.58 36.74 -14.85
N ALA A 44 22.46 35.58 -14.22
CA ALA A 44 21.14 34.93 -14.04
C ALA A 44 20.30 35.86 -13.16
N LYS A 45 20.92 36.50 -12.19
CA LYS A 45 20.20 37.47 -11.32
C LYS A 45 19.80 38.67 -12.18
N ASP A 46 18.56 39.13 -12.04
CA ASP A 46 18.07 40.28 -12.83
C ASP A 46 18.24 39.95 -14.31
N LEU A 47 17.64 38.86 -14.76
CA LEU A 47 17.67 38.56 -16.21
C LEU A 47 16.26 38.79 -16.74
N LYS A 48 16.10 39.54 -17.82
CA LYS A 48 14.80 39.87 -18.38
C LYS A 48 14.40 38.84 -19.43
N LEU A 49 13.27 38.17 -19.19
CA LEU A 49 12.75 37.17 -20.10
C LEU A 49 11.31 37.52 -20.48
N GLY A 50 10.99 37.39 -21.77
CA GLY A 50 9.62 37.49 -22.24
C GLY A 50 9.05 36.10 -22.46
N VAL A 51 7.76 35.94 -22.18
CA VAL A 51 7.06 34.66 -22.31
C VAL A 51 5.78 34.91 -23.08
N SER A 52 5.67 34.31 -24.25
CA SER A 52 4.50 34.48 -25.13
C SER A 52 3.70 33.18 -25.15
N ILE A 53 2.59 33.16 -24.42
CA ILE A 53 1.69 32.01 -24.38
C ILE A 53 0.51 32.26 -25.30
N SER A 54 0.07 31.21 -25.99
CA SER A 54 -0.98 31.35 -27.01
C SER A 54 -2.29 31.83 -26.38
N THR A 55 -2.79 31.09 -25.39
CA THR A 55 -4.03 31.47 -24.72
C THR A 55 -3.97 31.05 -23.26
N THR A 56 -4.66 31.81 -22.41
CA THR A 56 -4.75 31.50 -21.00
C THR A 56 -6.14 31.02 -20.58
N ASN A 57 -7.09 30.97 -21.53
CA ASN A 57 -8.36 30.31 -21.28
C ASN A 57 -8.23 28.81 -21.09
N ASN A 58 -7.04 28.26 -21.32
CA ASN A 58 -6.80 26.83 -21.22
C ASN A 58 -6.07 26.54 -19.92
N PRO A 59 -6.64 25.74 -19.03
CA PRO A 59 -5.92 25.42 -17.76
C PRO A 59 -4.52 24.89 -17.99
N TYR A 60 -4.27 24.21 -19.10
CA TYR A 60 -2.93 23.68 -19.39
C TYR A 60 -1.92 24.82 -19.50
N PHE A 61 -2.26 25.85 -20.27
CA PHE A 61 -1.35 26.98 -20.42
C PHE A 61 -1.36 27.91 -19.22
N VAL A 62 -2.32 27.75 -18.32
CA VAL A 62 -2.24 28.42 -17.02
C VAL A 62 -1.26 27.69 -16.12
N ALA A 63 -1.33 26.36 -16.09
CA ALA A 63 -0.34 25.60 -15.33
C ALA A 63 1.06 25.87 -15.83
N MET A 64 1.22 26.18 -17.11
CA MET A 64 2.53 26.52 -17.64
C MET A 64 3.03 27.85 -17.09
N LYS A 65 2.21 28.89 -17.20
CA LYS A 65 2.55 30.19 -16.61
C LYS A 65 2.97 30.03 -15.15
N ASP A 66 2.11 29.39 -14.35
CA ASP A 66 2.34 29.32 -12.92
C ASP A 66 3.65 28.61 -12.60
N GLY A 67 3.94 27.50 -13.28
CA GLY A 67 5.21 26.83 -13.07
C GLY A 67 6.39 27.60 -13.61
N ILE A 68 6.15 28.47 -14.59
CA ILE A 68 7.22 29.30 -15.14
C ILE A 68 7.61 30.38 -14.14
N ASP A 69 6.61 31.11 -13.61
CA ASP A 69 6.88 32.17 -12.66
C ASP A 69 7.50 31.64 -11.37
N LYS A 70 7.12 30.42 -10.96
CA LYS A 70 7.71 29.81 -9.77
C LYS A 70 9.19 29.53 -9.97
N TYR A 71 9.55 29.00 -11.15
CA TYR A 71 10.96 28.79 -11.46
C TYR A 71 11.70 30.11 -11.60
N ALA A 72 11.07 31.11 -12.23
CA ALA A 72 11.70 32.40 -12.43
C ALA A 72 12.09 33.04 -11.10
N SER A 73 11.14 33.16 -10.18
CA SER A 73 11.43 33.78 -8.89
C SER A 73 12.42 32.96 -8.08
N ASN A 74 12.49 31.64 -8.31
CA ASN A 74 13.39 30.81 -7.53
C ASN A 74 14.86 31.04 -7.91
N LYS A 75 15.12 31.39 -9.17
CA LYS A 75 16.48 31.63 -9.62
C LYS A 75 16.74 33.11 -9.90
N LYS A 76 15.83 34.00 -9.49
CA LYS A 76 16.00 35.45 -9.54
C LYS A 76 16.03 35.96 -10.99
N ILE A 77 15.01 35.59 -11.75
CA ILE A 77 14.81 36.06 -13.13
C ILE A 77 13.56 36.93 -13.17
N SER A 78 13.71 38.13 -13.73
CA SER A 78 12.59 39.00 -13.99
C SER A 78 11.87 38.54 -15.25
N ILE A 79 10.55 38.53 -15.21
CA ILE A 79 9.77 37.84 -16.22
C ILE A 79 8.48 38.60 -16.48
N LYS A 80 8.12 38.71 -17.77
CA LYS A 80 6.89 39.34 -18.21
C LYS A 80 6.18 38.38 -19.16
N VAL A 81 4.98 37.94 -18.78
CA VAL A 81 4.17 37.02 -19.57
C VAL A 81 3.17 37.83 -20.40
N ALA A 82 2.88 37.35 -21.60
CA ALA A 82 2.00 38.07 -22.53
C ALA A 82 1.07 37.09 -23.23
N ASP A 83 -0.21 37.16 -22.93
CA ASP A 83 -1.21 36.29 -23.55
C ASP A 83 -1.56 36.78 -24.95
N ALA A 84 -1.68 35.84 -25.88
CA ALA A 84 -1.97 36.14 -27.27
C ALA A 84 -3.42 35.83 -27.66
N GLN A 85 -4.17 35.14 -26.81
CA GLN A 85 -5.57 34.79 -27.08
C GLN A 85 -5.72 34.09 -28.43
N ASP A 86 -4.90 33.06 -28.65
CA ASP A 86 -4.91 32.22 -29.85
C ASP A 86 -4.80 33.04 -31.15
N ASP A 87 -4.21 34.23 -31.07
CA ASP A 87 -4.05 35.10 -32.23
C ASP A 87 -2.61 35.03 -32.72
N ALA A 88 -2.44 34.83 -34.02
CA ALA A 88 -1.09 34.82 -34.61
C ALA A 88 -0.54 36.23 -34.80
N ALA A 89 -1.40 37.24 -34.86
CA ALA A 89 -0.95 38.62 -35.03
C ALA A 89 -0.67 39.30 -33.70
N ARG A 90 -1.49 39.04 -32.68
CA ARG A 90 -1.22 39.57 -31.35
C ARG A 90 0.06 39.00 -30.76
N GLN A 91 0.38 37.75 -31.11
CA GLN A 91 1.66 37.17 -30.74
C GLN A 91 2.81 37.90 -31.41
N ALA A 92 2.68 38.14 -32.72
CA ALA A 92 3.71 38.89 -33.44
C ALA A 92 3.98 40.24 -32.78
N ASP A 93 2.91 40.94 -32.38
CA ASP A 93 3.10 42.20 -31.68
C ASP A 93 3.65 41.97 -30.28
N ASP A 94 3.28 40.88 -29.63
CA ASP A 94 3.82 40.58 -28.30
C ASP A 94 5.31 40.25 -28.36
N VAL A 95 5.79 39.72 -29.49
CA VAL A 95 7.21 39.42 -29.64
C VAL A 95 8.00 40.72 -29.78
N GLN A 96 7.51 41.64 -30.61
CA GLN A 96 8.21 42.90 -30.84
C GLN A 96 8.19 43.79 -29.60
N ASN A 97 7.15 43.67 -28.76
CA ASN A 97 7.12 44.43 -27.51
C ASN A 97 8.22 43.96 -26.57
N PHE A 98 8.45 42.63 -26.52
CA PHE A 98 9.60 42.13 -25.77
C PHE A 98 10.91 42.60 -26.40
N ILE A 99 10.96 42.57 -27.74
CA ILE A 99 12.15 43.00 -28.46
C ILE A 99 12.53 44.43 -28.08
N SER A 100 11.53 45.32 -28.02
CA SER A 100 11.75 46.70 -27.61
C SER A 100 11.89 46.85 -26.11
N GLN A 101 11.38 45.89 -25.34
CA GLN A 101 11.67 45.83 -23.92
C GLN A 101 13.12 45.46 -23.64
N ASN A 102 13.86 45.04 -24.67
CA ASN A 102 15.26 44.59 -24.55
C ASN A 102 15.40 43.42 -23.59
N VAL A 103 14.55 42.42 -23.78
CA VAL A 103 14.68 41.16 -23.05
C VAL A 103 15.83 40.35 -23.62
N ASP A 104 16.33 39.41 -22.81
CA ASP A 104 17.49 38.62 -23.20
C ASP A 104 17.11 37.30 -23.86
N ALA A 105 15.86 36.85 -23.72
CA ALA A 105 15.37 35.68 -24.43
C ALA A 105 13.85 35.73 -24.42
N ILE A 106 13.24 35.13 -25.44
CA ILE A 106 11.79 35.12 -25.58
C ILE A 106 11.33 33.66 -25.62
N LEU A 107 10.68 33.22 -24.54
CA LEU A 107 10.07 31.89 -24.47
C LEU A 107 8.72 31.96 -25.17
N ILE A 108 8.62 31.34 -26.34
CA ILE A 108 7.43 31.43 -27.18
C ILE A 108 6.68 30.10 -27.17
N ASN A 109 5.36 30.17 -27.03
CA ASN A 109 4.49 29.03 -27.32
C ASN A 109 3.64 29.41 -28.53
N PRO A 110 4.01 28.97 -29.73
CA PRO A 110 3.34 29.47 -30.94
C PRO A 110 1.86 29.10 -30.95
N VAL A 111 1.08 29.92 -31.64
CA VAL A 111 -0.30 29.59 -31.97
C VAL A 111 -0.40 28.98 -33.36
N ASP A 112 0.32 29.54 -34.33
CA ASP A 112 0.51 28.92 -35.63
C ASP A 112 2.00 28.70 -35.83
N SER A 113 2.37 27.45 -36.13
CA SER A 113 3.78 27.10 -36.29
C SER A 113 4.38 27.69 -37.55
N LYS A 114 3.56 28.03 -38.54
CA LYS A 114 4.05 28.68 -39.75
C LYS A 114 4.17 30.20 -39.59
N ALA A 115 3.20 30.84 -38.95
CA ALA A 115 3.16 32.30 -38.85
C ALA A 115 4.17 32.85 -37.86
N ILE A 116 4.60 32.06 -36.89
CA ILE A 116 5.54 32.52 -35.88
C ILE A 116 6.95 32.68 -36.45
N VAL A 117 7.23 32.06 -37.61
CA VAL A 117 8.59 32.06 -38.15
C VAL A 117 9.05 33.48 -38.45
N THR A 118 8.19 34.27 -39.08
CA THR A 118 8.53 35.66 -39.37
C THR A 118 8.92 36.42 -38.11
N ALA A 119 8.14 36.28 -37.04
CA ALA A 119 8.49 36.97 -35.82
C ALA A 119 9.77 36.40 -35.20
N ILE A 120 10.05 35.11 -35.47
CA ILE A 120 11.25 34.49 -34.92
C ILE A 120 12.50 35.07 -35.59
N LYS A 121 12.47 35.22 -36.91
CA LYS A 121 13.56 35.90 -37.60
C LYS A 121 13.71 37.33 -37.12
N SER A 122 12.62 37.96 -36.68
CA SER A 122 12.71 39.30 -36.12
C SER A 122 13.52 39.30 -34.81
N ALA A 123 13.30 38.29 -33.97
CA ALA A 123 14.12 38.15 -32.76
C ALA A 123 15.49 37.61 -33.08
N ASN A 124 15.62 36.85 -34.17
CA ASN A 124 16.93 36.39 -34.61
C ASN A 124 17.81 37.57 -35.03
N ASN A 125 17.24 38.52 -35.76
CA ASN A 125 18.00 39.69 -36.17
C ASN A 125 18.39 40.55 -34.97
N ALA A 126 17.49 40.69 -34.00
CA ALA A 126 17.79 41.44 -32.79
C ALA A 126 18.73 40.70 -31.85
N ASN A 127 19.17 39.50 -32.23
CA ASN A 127 20.07 38.67 -31.41
C ASN A 127 19.46 38.41 -30.04
N ILE A 128 18.20 37.99 -30.04
CA ILE A 128 17.47 37.57 -28.85
C ILE A 128 17.15 36.09 -28.99
N PRO A 129 17.78 35.22 -28.22
CA PRO A 129 17.53 33.78 -28.34
C PRO A 129 16.06 33.45 -28.20
N VAL A 130 15.60 32.52 -29.02
CA VAL A 130 14.21 32.07 -29.02
C VAL A 130 14.16 30.66 -28.47
N ILE A 131 13.33 30.46 -27.45
CA ILE A 131 13.09 29.15 -26.86
C ILE A 131 11.62 28.81 -27.08
N LEU A 132 11.36 27.66 -27.68
CA LEU A 132 10.02 27.21 -28.01
C LEU A 132 9.51 26.24 -26.95
N MET A 133 8.21 26.32 -26.68
CA MET A 133 7.57 25.55 -25.63
C MET A 133 6.30 24.90 -26.17
N ASP A 134 6.13 23.60 -25.88
CA ASP A 134 4.91 22.84 -26.13
C ASP A 134 4.63 22.60 -27.61
N ARG A 135 4.78 23.64 -28.43
CA ARG A 135 4.57 23.53 -29.87
C ARG A 135 5.81 24.03 -30.61
N GLY A 136 6.04 23.49 -31.80
CA GLY A 136 7.19 23.83 -32.60
C GLY A 136 6.90 24.90 -33.63
N SER A 137 7.89 25.12 -34.51
CA SER A 137 7.74 26.06 -35.62
C SER A 137 8.36 25.45 -36.88
N GLU A 138 7.92 25.97 -38.04
CA GLU A 138 8.34 25.40 -39.32
C GLU A 138 9.70 25.89 -39.79
N GLY A 139 10.20 26.99 -39.21
CA GLY A 139 11.53 27.47 -39.54
C GLY A 139 12.01 28.44 -38.48
N GLY A 140 13.12 29.10 -38.78
CA GLY A 140 13.67 30.11 -37.87
C GLY A 140 14.69 29.53 -36.91
N LYS A 141 15.63 30.38 -36.49
CA LYS A 141 16.73 29.95 -35.63
C LYS A 141 16.27 29.89 -34.18
N VAL A 142 16.15 28.68 -33.64
CA VAL A 142 15.63 28.43 -32.31
C VAL A 142 16.73 27.81 -31.46
N LEU A 143 16.92 28.36 -30.25
CA LEU A 143 17.93 27.83 -29.35
C LEU A 143 17.62 26.39 -28.94
N THR A 144 16.37 26.16 -28.49
CA THR A 144 15.94 24.85 -28.04
C THR A 144 14.43 24.79 -28.11
N THR A 145 13.89 23.57 -28.12
CA THR A 145 12.45 23.36 -28.15
C THR A 145 12.08 22.33 -27.08
N VAL A 146 11.23 22.72 -26.15
CA VAL A 146 10.74 21.85 -25.09
C VAL A 146 9.30 21.50 -25.42
N ALA A 147 9.02 20.22 -25.63
CA ALA A 147 7.69 19.77 -26.01
C ALA A 147 7.63 18.26 -25.87
N SER A 148 6.43 17.72 -26.01
CA SER A 148 6.23 16.28 -25.94
C SER A 148 6.43 15.67 -27.33
N ASP A 149 6.30 14.34 -27.38
CA ASP A 149 6.19 13.59 -28.63
C ASP A 149 4.70 13.44 -28.92
N ASN A 150 4.14 14.45 -29.59
CA ASN A 150 2.69 14.46 -29.82
C ASN A 150 2.25 13.34 -30.74
N VAL A 151 3.15 12.85 -31.61
CA VAL A 151 2.86 11.64 -32.38
C VAL A 151 2.69 10.45 -31.45
N ALA A 152 3.61 10.31 -30.47
CA ALA A 152 3.48 9.24 -29.50
C ALA A 152 2.23 9.40 -28.65
N ALA A 153 1.80 10.64 -28.41
CA ALA A 153 0.59 10.87 -27.63
C ALA A 153 -0.65 10.35 -28.36
N GLY A 154 -0.76 10.65 -29.67
CA GLY A 154 -1.80 10.03 -30.46
C GLY A 154 -1.70 8.51 -30.43
N LYS A 155 -0.47 7.99 -30.41
CA LYS A 155 -0.24 6.55 -30.35
C LYS A 155 -0.95 5.93 -29.17
N MET A 156 -0.69 6.43 -27.95
CA MET A 156 -1.20 5.78 -26.75
C MET A 156 -2.71 5.83 -26.67
N ALA A 157 -3.33 6.86 -27.24
CA ALA A 157 -4.79 6.99 -27.14
C ALA A 157 -5.49 5.90 -27.95
N ALA A 158 -5.08 5.72 -29.21
CA ALA A 158 -5.64 4.63 -30.01
C ALA A 158 -5.30 3.28 -29.40
N ASP A 159 -4.07 3.12 -28.89
CA ASP A 159 -3.69 1.88 -28.24
C ASP A 159 -4.59 1.58 -27.05
N TYR A 160 -4.92 2.61 -26.26
CA TYR A 160 -5.82 2.43 -25.13
C TYR A 160 -7.22 2.02 -25.61
N ALA A 161 -7.71 2.67 -26.66
CA ALA A 161 -9.03 2.31 -27.19
C ALA A 161 -9.05 0.86 -27.67
N VAL A 162 -8.10 0.51 -28.53
CA VAL A 162 -8.06 -0.86 -29.06
C VAL A 162 -7.90 -1.87 -27.94
N LYS A 163 -7.09 -1.54 -26.93
CA LYS A 163 -6.86 -2.48 -25.83
C LYS A 163 -8.08 -2.60 -24.92
N LYS A 164 -8.87 -1.54 -24.81
CA LYS A 164 -10.05 -1.59 -23.95
C LYS A 164 -11.31 -2.01 -24.70
N LEU A 165 -11.54 -1.46 -25.88
CA LEU A 165 -12.80 -1.69 -26.60
C LEU A 165 -12.65 -2.62 -27.79
N GLY A 166 -11.54 -3.35 -27.88
CA GLY A 166 -11.36 -4.24 -29.00
C GLY A 166 -11.02 -3.48 -30.27
N LYS A 167 -11.11 -4.22 -31.38
CA LYS A 167 -10.76 -3.70 -32.69
C LYS A 167 -12.03 -3.53 -33.51
N LYS A 168 -12.01 -2.57 -34.43
CA LYS A 168 -13.15 -2.18 -35.27
C LYS A 168 -14.25 -1.49 -34.46
N ALA A 169 -13.87 -0.71 -33.45
CA ALA A 169 -14.82 0.00 -32.60
C ALA A 169 -15.02 1.41 -33.11
N LYS A 170 -16.28 1.86 -33.13
CA LYS A 170 -16.65 3.14 -33.73
C LYS A 170 -16.25 4.31 -32.83
N ALA A 171 -15.52 5.27 -33.41
CA ALA A 171 -14.85 6.29 -32.63
C ALA A 171 -14.88 7.64 -33.35
N PHE A 172 -14.94 8.70 -32.54
CA PHE A 172 -14.79 10.08 -32.97
C PHE A 172 -13.40 10.57 -32.63
N GLU A 173 -12.91 11.56 -33.38
CA GLU A 173 -11.74 12.33 -33.00
C GLU A 173 -12.11 13.80 -32.93
N LEU A 174 -11.56 14.49 -31.93
CA LEU A 174 -11.75 15.92 -31.72
C LEU A 174 -10.39 16.59 -31.89
N SER A 175 -10.13 17.08 -33.11
CA SER A 175 -8.85 17.70 -33.42
C SER A 175 -8.78 19.13 -32.87
N GLY A 176 -7.57 19.68 -32.85
CA GLY A 176 -7.31 20.99 -32.28
C GLY A 176 -7.14 22.11 -33.29
N VAL A 177 -6.32 23.10 -32.93
CA VAL A 177 -6.01 24.24 -33.80
C VAL A 177 -5.22 23.72 -35.00
N PRO A 178 -5.73 23.89 -36.22
CA PRO A 178 -5.11 23.22 -37.37
C PRO A 178 -3.69 23.67 -37.68
N GLY A 179 -3.31 24.88 -37.27
CA GLY A 179 -1.98 25.40 -37.50
C GLY A 179 -0.98 25.11 -36.40
N ALA A 180 -1.36 24.33 -35.39
CA ALA A 180 -0.48 24.00 -34.29
C ALA A 180 0.18 22.65 -34.56
N SER A 181 1.50 22.59 -34.35
CA SER A 181 2.23 21.34 -34.59
C SER A 181 1.68 20.21 -33.74
N ALA A 182 1.08 20.52 -32.59
CA ALA A 182 0.63 19.48 -31.68
C ALA A 182 -0.60 18.75 -32.23
N THR A 183 -1.38 19.39 -33.10
CA THR A 183 -2.57 18.73 -33.63
C THR A 183 -2.27 17.90 -34.88
N VAL A 184 -1.32 18.33 -35.71
CA VAL A 184 -0.96 17.51 -36.86
C VAL A 184 -0.23 16.25 -36.39
N ASP A 185 0.50 16.33 -35.28
CA ASP A 185 1.23 15.19 -34.76
C ASP A 185 0.32 14.24 -33.99
N ARG A 186 -0.58 14.81 -33.17
CA ARG A 186 -1.55 13.98 -32.45
C ARG A 186 -2.46 13.24 -33.42
N GLY A 187 -2.82 13.88 -34.53
CA GLY A 187 -3.66 13.22 -35.51
C GLY A 187 -2.92 12.13 -36.27
N LYS A 188 -1.65 12.38 -36.60
CA LYS A 188 -0.85 11.37 -37.28
C LYS A 188 -0.61 10.15 -36.39
N GLY A 189 -0.15 10.37 -35.16
CA GLY A 189 0.09 9.27 -34.25
C GLY A 189 -1.16 8.49 -33.91
N PHE A 190 -2.31 9.18 -33.86
CA PHE A 190 -3.57 8.51 -33.60
C PHE A 190 -3.97 7.64 -34.79
N HIS A 191 -3.97 8.21 -36.00
CA HIS A 191 -4.44 7.48 -37.16
C HIS A 191 -3.49 6.34 -37.57
N SER A 192 -2.25 6.36 -37.07
CA SER A 192 -1.35 5.22 -37.29
C SER A 192 -1.99 3.93 -36.80
N VAL A 193 -2.53 3.95 -35.59
CA VAL A 193 -3.15 2.78 -34.98
C VAL A 193 -4.66 2.85 -35.20
N ALA A 194 -5.09 3.70 -36.11
CA ALA A 194 -6.52 3.88 -36.33
C ALA A 194 -6.96 3.62 -37.76
N LYS A 195 -6.06 3.70 -38.73
CA LYS A 195 -6.38 3.18 -40.06
C LYS A 195 -6.81 1.73 -39.95
N SER A 196 -6.01 0.91 -39.26
CA SER A 196 -6.40 -0.41 -38.82
C SER A 196 -6.88 -0.33 -37.37
N LYS A 197 -7.50 -1.43 -36.92
CA LYS A 197 -7.93 -1.63 -35.53
C LYS A 197 -9.07 -0.71 -35.06
N LEU A 198 -9.49 0.29 -35.84
CA LEU A 198 -10.54 1.19 -35.38
C LEU A 198 -11.30 1.76 -36.57
N ASP A 199 -12.60 1.99 -36.36
CA ASP A 199 -13.50 2.52 -37.39
C ASP A 199 -13.86 3.96 -37.05
N MET A 200 -13.48 4.88 -37.93
CA MET A 200 -13.72 6.30 -37.72
C MET A 200 -15.08 6.71 -38.26
N LEU A 201 -15.90 7.32 -37.40
CA LEU A 201 -17.16 7.90 -37.85
C LEU A 201 -16.98 9.34 -38.30
N SER A 202 -16.13 10.10 -37.61
CA SER A 202 -15.91 11.51 -37.95
C SER A 202 -14.56 11.95 -37.39
N SER A 203 -14.09 13.09 -37.89
CA SER A 203 -12.93 13.78 -37.32
C SER A 203 -13.07 15.27 -37.63
N GLN A 204 -13.69 15.99 -36.71
CA GLN A 204 -13.83 17.44 -36.79
C GLN A 204 -13.02 18.08 -35.68
N SER A 205 -12.75 19.38 -35.84
CA SER A 205 -11.92 20.11 -34.90
C SER A 205 -12.78 21.03 -34.04
N ALA A 206 -12.34 21.22 -32.80
CA ALA A 206 -12.98 22.14 -31.87
C ALA A 206 -12.00 23.17 -31.31
N ASN A 207 -10.79 23.25 -31.87
CA ASN A 207 -9.82 24.31 -31.56
C ASN A 207 -9.48 24.37 -30.07
N PHE A 208 -9.21 23.20 -29.49
CA PHE A 208 -8.72 23.09 -28.11
C PHE A 208 -9.64 23.76 -27.10
N ASP A 209 -10.93 23.84 -27.41
CA ASP A 209 -11.90 24.61 -26.65
C ASP A 209 -12.99 23.70 -26.11
N ARG A 210 -13.32 23.88 -24.82
CA ARG A 210 -14.40 23.10 -24.21
C ARG A 210 -15.72 23.33 -24.93
N ALA A 211 -16.13 24.60 -25.05
CA ALA A 211 -17.46 24.90 -25.55
C ALA A 211 -17.64 24.42 -26.99
N LYS A 212 -16.69 24.76 -27.87
CA LYS A 212 -16.77 24.30 -29.26
C LYS A 212 -16.83 22.78 -29.34
N ALA A 213 -16.10 22.09 -28.45
CA ALA A 213 -16.15 20.63 -28.43
C ALA A 213 -17.49 20.12 -27.93
N LEU A 214 -18.08 20.82 -26.95
CA LEU A 214 -19.41 20.44 -26.48
C LEU A 214 -20.43 20.49 -27.62
N ASN A 215 -20.45 21.60 -28.37
CA ASN A 215 -21.35 21.70 -29.50
C ASN A 215 -21.00 20.67 -30.56
N THR A 216 -19.73 20.58 -30.93
CA THR A 216 -19.30 19.61 -31.95
C THR A 216 -19.72 18.20 -31.58
N THR A 217 -19.40 17.78 -30.35
CA THR A 217 -19.73 16.42 -29.94
C THR A 217 -21.23 16.18 -30.02
N GLN A 218 -22.04 17.10 -29.50
CA GLN A 218 -23.50 16.93 -29.53
C GLN A 218 -24.00 16.65 -30.94
N ASN A 219 -23.54 17.42 -31.92
CA ASN A 219 -23.97 17.20 -33.29
C ASN A 219 -23.40 15.90 -33.85
N MET A 220 -22.16 15.57 -33.50
CA MET A 220 -21.58 14.29 -33.95
C MET A 220 -22.39 13.11 -33.43
N ILE A 221 -22.90 13.21 -32.21
CA ILE A 221 -23.68 12.12 -31.65
C ILE A 221 -25.00 11.95 -32.39
N GLN A 222 -25.65 13.06 -32.77
CA GLN A 222 -26.94 12.97 -33.46
C GLN A 222 -26.86 12.05 -34.67
N GLY A 223 -25.79 12.18 -35.46
CA GLY A 223 -25.66 11.32 -36.62
C GLY A 223 -25.27 9.89 -36.26
N HIS A 224 -24.35 9.73 -35.33
CA HIS A 224 -23.82 8.42 -34.97
C HIS A 224 -24.19 8.12 -33.51
N LYS A 225 -25.36 7.55 -33.32
CA LYS A 225 -25.77 7.11 -31.98
C LYS A 225 -24.95 5.93 -31.47
N ASP A 226 -24.29 5.18 -32.37
CA ASP A 226 -23.59 3.96 -32.02
C ASP A 226 -22.12 4.20 -31.62
N VAL A 227 -21.77 5.44 -31.28
CA VAL A 227 -20.38 5.74 -30.92
C VAL A 227 -19.98 5.01 -29.65
N GLN A 228 -18.73 4.57 -29.59
CA GLN A 228 -18.21 3.85 -28.43
C GLN A 228 -16.99 4.49 -27.80
N ILE A 229 -16.20 5.25 -28.57
CA ILE A 229 -15.01 5.93 -28.07
C ILE A 229 -14.93 7.31 -28.69
N ILE A 230 -14.49 8.28 -27.91
CA ILE A 230 -14.23 9.64 -28.37
C ILE A 230 -12.81 9.99 -27.95
N PHE A 231 -11.98 10.36 -28.93
CA PHE A 231 -10.62 10.80 -28.69
C PHE A 231 -10.54 12.30 -28.89
N ALA A 232 -10.14 13.02 -27.84
CA ALA A 232 -9.94 14.47 -27.89
C ALA A 232 -8.46 14.77 -27.70
N GLN A 233 -7.90 15.59 -28.60
CA GLN A 233 -6.47 15.88 -28.56
C GLN A 233 -6.09 16.79 -27.39
N ASN A 234 -7.03 17.15 -26.52
CA ASN A 234 -6.74 18.01 -25.38
C ASN A 234 -7.89 17.86 -24.38
N ASP A 235 -7.58 18.09 -23.10
CA ASP A 235 -8.54 17.79 -22.04
C ASP A 235 -9.73 18.74 -22.06
N GLU A 236 -9.54 19.96 -22.58
CA GLU A 236 -10.67 20.88 -22.69
C GLU A 236 -11.77 20.30 -23.57
N MET A 237 -11.38 19.65 -24.66
CA MET A 237 -12.37 19.00 -25.51
C MET A 237 -12.90 17.72 -24.87
N ALA A 238 -12.03 16.93 -24.24
CA ALA A 238 -12.50 15.73 -23.55
C ALA A 238 -13.56 16.08 -22.52
N LEU A 239 -13.30 17.09 -21.69
CA LEU A 239 -14.29 17.52 -20.71
C LEU A 239 -15.55 18.08 -21.37
N GLY A 240 -15.41 18.72 -22.53
CA GLY A 240 -16.59 19.19 -23.25
C GLY A 240 -17.37 18.07 -23.90
N ALA A 241 -16.70 17.02 -24.36
CA ALA A 241 -17.40 15.86 -24.89
C ALA A 241 -18.12 15.10 -23.79
N ALA A 242 -17.57 15.10 -22.57
CA ALA A 242 -18.18 14.36 -21.47
C ALA A 242 -19.55 14.92 -21.13
N GLN A 243 -19.69 16.25 -21.15
CA GLN A 243 -20.98 16.88 -20.90
C GLN A 243 -21.98 16.54 -22.00
N ALA A 244 -21.51 16.48 -23.25
CA ALA A 244 -22.40 16.15 -24.37
C ALA A 244 -22.82 14.69 -24.32
N VAL A 245 -21.92 13.79 -23.92
CA VAL A 245 -22.26 12.39 -23.83
C VAL A 245 -23.32 12.17 -22.75
N LYS A 246 -23.13 12.75 -21.58
CA LYS A 246 -24.06 12.53 -20.48
C LYS A 246 -25.35 13.33 -20.63
N SER A 247 -25.34 14.40 -21.43
CA SER A 247 -26.57 15.12 -21.74
C SER A 247 -27.43 14.39 -22.76
N ALA A 248 -26.82 13.51 -23.56
CA ALA A 248 -27.55 12.68 -24.50
C ALA A 248 -27.91 11.32 -23.92
N GLY A 249 -27.57 11.06 -22.66
CA GLY A 249 -27.93 9.81 -22.01
C GLY A 249 -27.10 8.59 -22.40
N LEU A 250 -25.98 8.78 -23.08
CA LEU A 250 -25.13 7.64 -23.44
C LEU A 250 -24.29 7.23 -22.25
N GLN A 251 -24.22 5.92 -22.01
CA GLN A 251 -23.62 5.43 -20.78
C GLN A 251 -22.37 4.59 -20.96
N ASN A 252 -22.04 4.17 -22.19
CA ASN A 252 -20.83 3.36 -22.40
C ASN A 252 -20.02 3.91 -23.57
N VAL A 253 -19.70 5.20 -23.52
CA VAL A 253 -18.85 5.84 -24.51
C VAL A 253 -17.55 6.23 -23.83
N LEU A 254 -16.50 5.47 -24.11
CA LEU A 254 -15.20 5.68 -23.49
C LEU A 254 -14.52 6.92 -24.08
N ILE A 255 -14.03 7.80 -23.20
CA ILE A 255 -13.49 9.10 -23.60
C ILE A 255 -12.03 9.16 -23.18
N VAL A 256 -11.16 9.55 -24.12
CA VAL A 256 -9.72 9.67 -23.91
C VAL A 256 -9.27 11.08 -24.27
N GLY A 257 -8.51 11.71 -23.38
CA GLY A 257 -7.99 13.03 -23.61
C GLY A 257 -6.47 13.09 -23.48
N ILE A 258 -5.96 14.31 -23.60
CA ILE A 258 -4.53 14.57 -23.52
C ILE A 258 -4.33 15.84 -22.72
N ASP A 259 -3.42 15.78 -21.73
CA ASP A 259 -2.88 16.90 -20.94
C ASP A 259 -2.60 16.44 -19.51
N GLY A 260 -3.55 15.74 -18.89
CA GLY A 260 -3.42 15.36 -17.49
C GLY A 260 -3.85 16.43 -16.51
N GLN A 261 -4.86 17.22 -16.84
CA GLN A 261 -5.23 18.37 -16.06
C GLN A 261 -5.98 17.94 -14.80
N PRO A 262 -5.86 18.71 -13.71
CA PRO A 262 -6.50 18.31 -12.44
C PRO A 262 -7.96 17.94 -12.60
N ASP A 263 -8.73 18.74 -13.33
CA ASP A 263 -10.13 18.39 -13.55
C ASP A 263 -10.28 17.08 -14.31
N ALA A 264 -9.30 16.73 -15.14
CA ALA A 264 -9.41 15.49 -15.90
C ALA A 264 -9.20 14.28 -15.00
N HIS A 265 -8.31 14.40 -14.02
CA HIS A 265 -8.22 13.37 -13.00
C HIS A 265 -9.56 13.17 -12.29
N ASP A 266 -10.29 14.27 -12.07
CA ASP A 266 -11.56 14.19 -11.37
C ASP A 266 -12.67 13.58 -12.23
N ALA A 267 -12.64 13.83 -13.54
CA ALA A 267 -13.64 13.21 -14.41
C ALA A 267 -13.45 11.69 -14.47
N ILE A 268 -12.21 11.23 -14.43
CA ILE A 268 -11.92 9.81 -14.44
C ILE A 268 -12.52 9.14 -13.22
N LYS A 269 -12.29 9.72 -12.04
CA LYS A 269 -12.91 9.22 -10.81
C LYS A 269 -14.44 9.29 -10.88
N LYS A 270 -14.98 10.40 -11.37
CA LYS A 270 -16.42 10.51 -11.55
C LYS A 270 -16.92 9.66 -12.71
N GLY A 271 -16.02 9.07 -13.50
CA GLY A 271 -16.42 8.27 -14.63
C GLY A 271 -16.92 9.05 -15.83
N ASP A 272 -16.66 10.35 -15.89
CA ASP A 272 -17.10 11.14 -17.03
C ASP A 272 -16.17 10.99 -18.22
N ILE A 273 -14.89 10.72 -17.97
CA ILE A 273 -13.96 10.27 -19.00
C ILE A 273 -13.20 9.08 -18.46
N SER A 274 -12.48 8.39 -19.35
CA SER A 274 -11.85 7.11 -19.03
C SER A 274 -10.35 7.18 -18.82
N ALA A 275 -9.65 8.00 -19.61
CA ALA A 275 -8.21 8.13 -19.45
C ALA A 275 -7.75 9.42 -20.12
N THR A 276 -6.58 9.88 -19.70
CA THR A 276 -5.92 11.03 -20.29
C THR A 276 -4.43 10.71 -20.46
N ILE A 277 -3.81 11.37 -21.44
CA ILE A 277 -2.39 11.26 -21.69
C ILE A 277 -1.72 12.45 -21.01
N ALA A 278 -1.06 12.20 -19.88
CA ALA A 278 -0.55 13.30 -19.07
C ALA A 278 0.65 13.96 -19.74
N GLN A 279 0.70 15.28 -19.66
CA GLN A 279 1.86 16.06 -20.07
C GLN A 279 2.50 16.69 -18.84
N GLN A 280 3.55 17.47 -19.07
CA GLN A 280 4.22 18.21 -18.00
C GLN A 280 4.34 19.67 -18.41
N PRO A 281 3.25 20.42 -18.30
CA PRO A 281 3.31 21.84 -18.72
C PRO A 281 4.28 22.67 -17.90
N ALA A 282 4.31 22.46 -16.58
CA ALA A 282 5.24 23.23 -15.74
C ALA A 282 6.68 22.83 -16.02
N LYS A 283 6.99 21.54 -15.93
CA LYS A 283 8.35 21.09 -16.23
C LYS A 283 8.78 21.49 -17.63
N MET A 284 7.82 21.81 -18.50
CA MET A 284 8.18 22.30 -19.83
C MET A 284 8.78 23.69 -19.75
N GLY A 285 8.03 24.64 -19.21
CA GLY A 285 8.50 26.01 -19.09
C GLY A 285 9.63 26.21 -18.10
N GLU A 286 9.91 25.22 -17.25
CA GLU A 286 11.00 25.38 -16.31
C GLU A 286 12.32 24.91 -16.87
N ILE A 287 12.33 23.90 -17.76
CA ILE A 287 13.57 23.58 -18.46
C ILE A 287 13.78 24.47 -19.67
N ALA A 288 12.78 25.27 -20.02
CA ALA A 288 13.00 26.33 -20.99
C ALA A 288 13.71 27.53 -20.36
N ILE A 289 13.31 27.90 -19.15
CA ILE A 289 13.97 29.00 -18.44
C ILE A 289 15.42 28.65 -18.17
N GLN A 290 15.66 27.44 -17.64
CA GLN A 290 17.03 27.01 -17.36
C GLN A 290 17.88 26.99 -18.63
N ALA A 291 17.26 26.72 -19.78
CA ALA A 291 18.00 26.79 -21.04
C ALA A 291 18.47 28.21 -21.34
N ALA A 292 17.63 29.21 -21.03
CA ALA A 292 18.05 30.59 -21.19
C ALA A 292 19.17 30.95 -20.23
N ILE A 293 19.07 30.48 -18.97
CA ILE A 293 20.15 30.68 -18.01
C ILE A 293 21.42 30.00 -18.50
N ASP A 294 21.31 28.73 -18.90
CA ASP A 294 22.49 27.98 -19.30
C ASP A 294 23.15 28.55 -20.53
N TYR A 295 22.36 29.14 -21.44
CA TYR A 295 22.95 29.76 -22.63
C TYR A 295 23.86 30.91 -22.23
N TYR A 296 23.35 31.84 -21.42
CA TYR A 296 24.12 33.00 -20.96
C TYR A 296 25.16 32.62 -19.91
N LYS A 297 25.28 31.34 -19.57
CA LYS A 297 26.30 30.85 -18.66
C LYS A 297 27.49 30.23 -19.40
N GLY A 298 27.50 30.25 -20.73
CA GLY A 298 28.55 29.62 -21.49
C GLY A 298 28.44 28.12 -21.58
N LYS A 299 27.30 27.55 -21.23
CA LYS A 299 27.06 26.11 -21.30
C LYS A 299 26.20 25.80 -22.52
N LYS A 300 26.44 24.62 -23.11
CA LYS A 300 25.68 24.23 -24.29
C LYS A 300 24.33 23.66 -23.87
N VAL A 301 23.30 24.00 -24.64
CA VAL A 301 21.94 23.56 -24.37
C VAL A 301 21.47 22.69 -25.55
N GLU A 302 20.72 21.64 -25.22
CA GLU A 302 20.26 20.72 -26.26
C GLU A 302 19.28 21.41 -27.20
N LYS A 303 19.40 21.11 -28.49
CA LYS A 303 18.50 21.68 -29.48
C LYS A 303 17.07 21.18 -29.30
N GLU A 304 16.91 19.91 -28.94
CA GLU A 304 15.59 19.31 -28.72
C GLU A 304 15.53 18.69 -27.32
N THR A 305 14.39 18.90 -26.65
CA THR A 305 14.12 18.30 -25.36
C THR A 305 12.71 17.71 -25.40
N ILE A 306 12.61 16.39 -25.34
CA ILE A 306 11.31 15.73 -25.40
C ILE A 306 10.77 15.57 -23.99
N SER A 307 9.60 16.15 -23.74
CA SER A 307 8.93 16.01 -22.45
C SER A 307 8.26 14.65 -22.33
N PRO A 308 8.40 13.96 -21.20
CA PRO A 308 7.77 12.64 -21.08
C PRO A 308 6.26 12.75 -20.90
N ILE A 309 5.54 11.80 -21.49
CA ILE A 309 4.09 11.68 -21.38
C ILE A 309 3.76 10.39 -20.66
N TYR A 310 2.57 10.36 -20.04
CA TYR A 310 2.14 9.21 -19.25
C TYR A 310 0.65 8.98 -19.40
N LEU A 311 0.25 7.71 -19.50
CA LEU A 311 -1.16 7.35 -19.45
C LEU A 311 -1.67 7.44 -18.01
N VAL A 312 -2.90 7.93 -17.85
CA VAL A 312 -3.53 8.06 -16.54
C VAL A 312 -4.92 7.45 -16.62
N THR A 313 -5.09 6.28 -16.00
CA THR A 313 -6.36 5.57 -15.93
C THR A 313 -6.93 5.67 -14.52
N LYS A 314 -8.00 4.92 -14.27
CA LYS A 314 -8.64 4.94 -12.96
C LYS A 314 -7.74 4.37 -11.87
N ASP A 315 -6.75 3.56 -12.24
CA ASP A 315 -5.78 3.05 -11.28
C ASP A 315 -4.59 3.98 -11.10
N ASN A 316 -4.42 4.96 -11.99
CA ASN A 316 -3.28 5.85 -12.02
C ASN A 316 -3.60 7.27 -11.54
N VAL A 317 -4.86 7.55 -11.19
CA VAL A 317 -5.32 8.92 -10.96
C VAL A 317 -4.47 9.65 -9.93
N GLU A 318 -3.83 8.91 -9.03
CA GLU A 318 -3.02 9.52 -7.99
C GLU A 318 -1.63 9.93 -8.47
N LYS A 319 -1.21 9.52 -9.67
CA LYS A 319 0.16 9.72 -10.13
C LYS A 319 0.21 10.69 -11.29
N TYR A 320 1.42 11.21 -11.54
CA TYR A 320 1.73 12.11 -12.66
C TYR A 320 0.91 13.39 -12.64
N ASN A 321 0.28 13.68 -11.51
CA ASN A 321 -0.45 14.93 -11.37
C ASN A 321 0.49 16.12 -11.44
N TRP A 322 0.00 17.21 -12.00
CA TRP A 322 0.78 18.43 -12.13
C TRP A 322 1.12 18.96 -10.75
N SER B 43 30.20 7.99 -33.00
CA SER B 43 30.59 9.34 -32.49
C SER B 43 29.81 9.64 -31.21
N ALA B 44 30.31 10.57 -30.39
CA ALA B 44 29.69 10.84 -29.07
C ALA B 44 28.82 12.09 -29.17
N LYS B 45 29.10 12.95 -30.15
CA LYS B 45 28.34 14.21 -30.30
C LYS B 45 26.85 13.89 -30.46
N ASP B 46 26.54 12.84 -31.19
CA ASP B 46 25.11 12.56 -31.47
C ASP B 46 24.64 11.37 -30.64
N LEU B 47 25.14 11.24 -29.42
CA LEU B 47 24.65 10.16 -28.54
C LEU B 47 23.52 10.71 -27.70
N LYS B 48 22.31 10.24 -27.92
CA LYS B 48 21.15 10.68 -27.12
C LYS B 48 20.98 9.66 -26.00
N LEU B 49 21.23 10.07 -24.77
CA LEU B 49 21.16 9.18 -23.63
C LEU B 49 19.99 9.55 -22.75
N GLY B 50 19.21 8.56 -22.33
CA GLY B 50 18.18 8.75 -21.33
C GLY B 50 18.66 8.19 -20.00
N VAL B 51 18.49 8.97 -18.94
CA VAL B 51 18.94 8.60 -17.61
C VAL B 51 17.75 8.61 -16.67
N SER B 52 17.61 7.55 -15.87
CA SER B 52 16.54 7.43 -14.90
C SER B 52 17.14 7.19 -13.52
N ILE B 53 16.91 8.12 -12.60
CA ILE B 53 17.48 8.08 -11.26
C ILE B 53 16.37 7.85 -10.26
N SER B 54 16.58 6.91 -9.34
CA SER B 54 15.55 6.54 -8.37
C SER B 54 14.95 7.76 -7.70
N THR B 55 15.78 8.67 -7.19
CA THR B 55 15.29 9.92 -6.63
C THR B 55 16.41 10.95 -6.60
N THR B 56 16.04 12.22 -6.77
CA THR B 56 16.97 13.32 -6.57
C THR B 56 16.79 13.97 -5.21
N ASN B 57 16.02 13.34 -4.31
CA ASN B 57 15.87 13.83 -2.95
C ASN B 57 17.00 13.38 -2.04
N ASN B 58 17.80 12.46 -2.47
CA ASN B 58 19.00 12.01 -1.77
C ASN B 58 20.20 12.79 -2.26
N PRO B 59 20.98 13.43 -1.37
CA PRO B 59 22.18 14.13 -1.83
C PRO B 59 23.18 13.21 -2.50
N TYR B 60 23.11 11.91 -2.20
CA TYR B 60 23.93 10.92 -2.89
C TYR B 60 23.65 10.93 -4.39
N PHE B 61 22.39 10.72 -4.75
CA PHE B 61 22.00 10.70 -6.16
C PHE B 61 22.04 12.09 -6.79
N VAL B 62 22.17 13.15 -5.99
CA VAL B 62 22.42 14.46 -6.58
C VAL B 62 23.87 14.54 -7.04
N ALA B 63 24.79 14.04 -6.23
CA ALA B 63 26.19 13.98 -6.66
C ALA B 63 26.34 13.08 -7.88
N MET B 64 25.57 11.98 -7.93
CA MET B 64 25.57 11.13 -9.12
C MET B 64 25.08 11.88 -10.34
N LYS B 65 23.97 12.63 -10.19
CA LYS B 65 23.46 13.42 -11.29
C LYS B 65 24.46 14.50 -11.70
N ASP B 66 25.01 15.22 -10.71
CA ASP B 66 26.02 16.24 -10.99
C ASP B 66 27.21 15.64 -11.72
N GLY B 67 27.68 14.47 -11.26
CA GLY B 67 28.78 13.81 -11.95
C GLY B 67 28.42 13.41 -13.37
N ILE B 68 27.18 12.96 -13.57
CA ILE B 68 26.72 12.60 -14.91
C ILE B 68 26.62 13.84 -15.80
N ASP B 69 26.22 14.98 -15.23
CA ASP B 69 26.07 16.20 -16.02
C ASP B 69 27.41 16.66 -16.58
N LYS B 70 28.45 16.72 -15.73
CA LYS B 70 29.71 17.31 -16.16
C LYS B 70 30.46 16.39 -17.13
N TYR B 71 30.31 15.08 -16.98
CA TYR B 71 31.00 14.17 -17.89
C TYR B 71 30.43 14.29 -19.30
N ALA B 72 29.10 14.30 -19.43
CA ALA B 72 28.49 14.41 -20.75
C ALA B 72 28.74 15.78 -21.37
N SER B 73 28.93 16.82 -20.56
CA SER B 73 29.24 18.12 -21.13
C SER B 73 30.62 18.11 -21.78
N ASN B 74 31.57 17.41 -21.18
CA ASN B 74 32.92 17.35 -21.73
C ASN B 74 32.95 16.53 -23.01
N LYS B 75 32.15 15.46 -23.08
CA LYS B 75 32.14 14.55 -24.22
C LYS B 75 31.05 14.88 -25.23
N LYS B 76 30.37 16.03 -25.08
CA LYS B 76 29.39 16.54 -26.04
C LYS B 76 28.27 15.52 -26.28
N ILE B 77 27.63 15.12 -25.20
CA ILE B 77 26.57 14.13 -25.22
C ILE B 77 25.28 14.77 -24.76
N SER B 78 24.19 14.49 -25.47
CA SER B 78 22.88 14.96 -25.07
C SER B 78 22.28 13.98 -24.08
N ILE B 79 21.78 14.50 -22.95
CA ILE B 79 21.35 13.70 -21.81
C ILE B 79 20.07 14.31 -21.25
N LYS B 80 19.11 13.45 -20.92
CA LYS B 80 17.86 13.86 -20.29
C LYS B 80 17.63 12.97 -19.07
N VAL B 81 17.56 13.58 -17.90
CA VAL B 81 17.42 12.87 -16.64
C VAL B 81 15.95 12.91 -16.22
N ALA B 82 15.49 11.82 -15.62
CA ALA B 82 14.11 11.71 -15.14
C ALA B 82 14.15 11.24 -13.69
N ASP B 83 13.73 12.12 -12.77
CA ASP B 83 13.57 11.74 -11.38
C ASP B 83 12.39 10.78 -11.25
N ALA B 84 12.63 9.66 -10.59
CA ALA B 84 11.59 8.64 -10.44
C ALA B 84 10.79 8.80 -9.16
N GLN B 85 11.22 9.67 -8.25
CA GLN B 85 10.53 9.89 -6.98
C GLN B 85 10.36 8.58 -6.20
N ASP B 86 11.32 7.67 -6.36
CA ASP B 86 11.29 6.35 -5.74
C ASP B 86 10.02 5.58 -6.10
N ASP B 87 9.53 5.78 -7.31
CA ASP B 87 8.33 5.13 -7.83
C ASP B 87 8.76 4.22 -8.99
N ALA B 88 8.61 2.91 -8.80
CA ALA B 88 8.96 1.96 -9.86
C ALA B 88 8.03 2.10 -11.06
N ALA B 89 6.76 2.46 -10.83
CA ALA B 89 5.85 2.66 -11.95
C ALA B 89 6.21 3.90 -12.74
N ARG B 90 6.59 4.98 -12.05
CA ARG B 90 7.09 6.17 -12.75
C ARG B 90 8.35 5.86 -13.52
N GLN B 91 9.22 5.02 -12.94
CA GLN B 91 10.48 4.69 -13.59
C GLN B 91 10.25 3.91 -14.88
N ALA B 92 9.38 2.90 -14.82
CA ALA B 92 9.08 2.11 -16.01
C ALA B 92 8.57 2.99 -17.13
N ASP B 93 7.66 3.91 -16.82
CA ASP B 93 7.12 4.81 -17.85
C ASP B 93 8.19 5.73 -18.40
N ASP B 94 9.06 6.25 -17.54
CA ASP B 94 10.15 7.10 -18.00
C ASP B 94 11.09 6.34 -18.93
N VAL B 95 11.25 5.04 -18.71
CA VAL B 95 12.08 4.22 -19.58
C VAL B 95 11.38 3.97 -20.92
N GLN B 96 10.07 3.71 -20.88
CA GLN B 96 9.33 3.55 -22.13
C GLN B 96 9.34 4.82 -22.96
N ASN B 97 9.27 5.98 -22.31
CA ASN B 97 9.47 7.24 -23.02
C ASN B 97 10.84 7.27 -23.69
N PHE B 98 11.86 6.74 -23.00
CA PHE B 98 13.19 6.67 -23.59
C PHE B 98 13.22 5.71 -24.78
N ILE B 99 12.46 4.63 -24.70
CA ILE B 99 12.39 3.69 -25.83
C ILE B 99 11.59 4.31 -26.96
N SER B 100 10.42 4.88 -26.64
CA SER B 100 9.59 5.52 -27.66
C SER B 100 10.36 6.61 -28.40
N GLN B 101 11.37 7.21 -27.75
CA GLN B 101 12.22 8.18 -28.42
C GLN B 101 13.34 7.51 -29.20
N ASN B 102 13.64 6.26 -28.90
CA ASN B 102 14.74 5.51 -29.52
C ASN B 102 16.07 6.24 -29.30
N VAL B 103 16.43 6.38 -28.02
CA VAL B 103 17.70 6.96 -27.64
C VAL B 103 18.81 5.96 -27.93
N ASP B 104 20.07 6.40 -27.81
CA ASP B 104 21.19 5.51 -28.09
C ASP B 104 21.48 4.56 -26.94
N ALA B 105 21.15 4.95 -25.71
CA ALA B 105 21.38 4.11 -24.56
C ALA B 105 20.53 4.61 -23.40
N ILE B 106 20.11 3.68 -22.55
CA ILE B 106 19.35 4.00 -21.35
C ILE B 106 20.21 3.68 -20.13
N LEU B 107 20.27 4.61 -19.18
CA LEU B 107 21.07 4.48 -17.97
C LEU B 107 20.10 4.54 -16.79
N ILE B 108 20.03 3.45 -16.01
CA ILE B 108 18.97 3.25 -15.02
C ILE B 108 19.58 3.01 -13.66
N ASN B 109 19.08 3.74 -12.66
CA ASN B 109 19.33 3.47 -11.24
C ASN B 109 18.06 2.83 -10.69
N PRO B 110 17.98 1.50 -10.62
CA PRO B 110 16.67 0.84 -10.41
C PRO B 110 16.04 1.22 -9.08
N VAL B 111 14.77 1.66 -9.15
CA VAL B 111 13.95 1.85 -7.96
C VAL B 111 13.65 0.51 -7.31
N ASP B 112 13.51 -0.53 -8.12
CA ASP B 112 13.13 -1.87 -7.65
C ASP B 112 13.87 -2.87 -8.52
N SER B 113 14.67 -3.73 -7.91
CA SER B 113 15.60 -4.53 -8.69
C SER B 113 14.94 -5.71 -9.40
N LYS B 114 13.78 -6.16 -8.94
CA LYS B 114 13.03 -7.17 -9.68
C LYS B 114 11.99 -6.55 -10.61
N ALA B 115 11.32 -5.48 -10.17
CA ALA B 115 10.26 -4.86 -10.96
C ALA B 115 10.78 -4.05 -12.14
N ILE B 116 12.10 -3.85 -12.25
CA ILE B 116 12.68 -3.16 -13.39
C ILE B 116 12.90 -4.07 -14.58
N VAL B 117 12.83 -5.39 -14.37
CA VAL B 117 13.21 -6.33 -15.44
C VAL B 117 12.29 -6.19 -16.65
N THR B 118 11.01 -5.92 -16.41
CA THR B 118 10.09 -5.74 -17.53
C THR B 118 10.47 -4.52 -18.37
N ALA B 119 10.87 -3.43 -17.71
CA ALA B 119 11.35 -2.27 -18.46
C ALA B 119 12.63 -2.61 -19.23
N ILE B 120 13.56 -3.30 -18.58
CA ILE B 120 14.81 -3.66 -19.25
C ILE B 120 14.53 -4.56 -20.43
N LYS B 121 13.74 -5.61 -20.22
CA LYS B 121 13.36 -6.51 -21.32
C LYS B 121 12.74 -5.73 -22.47
N SER B 122 11.80 -4.82 -22.15
CA SER B 122 11.18 -3.99 -23.19
C SER B 122 12.23 -3.23 -24.01
N ALA B 123 13.33 -2.82 -23.38
CA ALA B 123 14.38 -2.11 -24.12
C ALA B 123 15.20 -3.04 -25.00
N ASN B 124 15.36 -4.31 -24.58
CA ASN B 124 16.13 -5.26 -25.37
C ASN B 124 15.52 -5.45 -26.75
N ASN B 125 14.19 -5.56 -26.82
CA ASN B 125 13.51 -5.74 -28.09
C ASN B 125 13.71 -4.54 -29.01
N ALA B 126 13.91 -3.34 -28.44
CA ALA B 126 14.24 -2.15 -29.21
C ALA B 126 15.74 -2.00 -29.47
N ASN B 127 16.55 -2.96 -29.02
CA ASN B 127 18.00 -2.96 -29.28
C ASN B 127 18.67 -1.71 -28.71
N ILE B 128 18.20 -1.27 -27.56
CA ILE B 128 18.76 -0.12 -26.87
C ILE B 128 19.60 -0.63 -25.70
N PRO B 129 20.89 -0.29 -25.63
CA PRO B 129 21.70 -0.71 -24.48
C PRO B 129 21.18 -0.14 -23.18
N VAL B 130 21.22 -0.96 -22.14
CA VAL B 130 20.77 -0.59 -20.80
C VAL B 130 21.98 -0.69 -19.87
N ILE B 131 22.33 0.43 -19.24
CA ILE B 131 23.45 0.50 -18.28
C ILE B 131 22.88 0.76 -16.90
N LEU B 132 23.34 0.01 -15.92
CA LEU B 132 22.86 0.13 -14.56
C LEU B 132 23.87 0.84 -13.67
N MET B 133 23.34 1.61 -12.71
CA MET B 133 24.15 2.33 -11.74
C MET B 133 23.63 2.06 -10.34
N ASP B 134 24.57 1.94 -9.38
CA ASP B 134 24.28 1.89 -7.96
C ASP B 134 23.50 0.64 -7.55
N ARG B 135 22.51 0.23 -8.34
CA ARG B 135 21.73 -0.96 -8.05
C ARG B 135 21.67 -1.84 -9.30
N GLY B 136 21.44 -3.14 -9.09
CA GLY B 136 21.36 -4.10 -10.16
C GLY B 136 19.94 -4.55 -10.44
N SER B 137 19.84 -5.64 -11.21
CA SER B 137 18.56 -6.28 -11.53
C SER B 137 18.57 -7.73 -11.10
N GLU B 138 17.42 -8.37 -11.28
CA GLU B 138 17.23 -9.79 -11.14
C GLU B 138 16.80 -10.39 -12.47
N GLY B 139 17.43 -9.94 -13.55
CA GLY B 139 17.08 -10.42 -14.87
C GLY B 139 17.36 -9.35 -15.92
N GLY B 140 17.11 -9.72 -17.18
CA GLY B 140 17.26 -8.82 -18.29
C GLY B 140 18.68 -8.79 -18.84
N LYS B 141 18.79 -8.41 -20.11
CA LYS B 141 20.09 -8.28 -20.76
C LYS B 141 20.61 -6.87 -20.50
N VAL B 142 21.80 -6.78 -19.90
CA VAL B 142 22.38 -5.50 -19.52
C VAL B 142 23.79 -5.41 -20.11
N LEU B 143 24.18 -4.19 -20.48
CA LEU B 143 25.51 -4.01 -21.03
C LEU B 143 26.56 -4.00 -19.93
N THR B 144 26.38 -3.12 -18.94
CA THR B 144 27.27 -3.10 -17.79
C THR B 144 26.46 -2.69 -16.55
N THR B 145 27.02 -3.03 -15.39
CA THR B 145 26.48 -2.62 -14.10
C THR B 145 27.60 -1.97 -13.33
N VAL B 146 27.42 -0.70 -12.95
CA VAL B 146 28.40 0.04 -12.17
C VAL B 146 27.79 0.27 -10.80
N ALA B 147 28.30 -0.44 -9.79
CA ALA B 147 27.80 -0.32 -8.43
C ALA B 147 28.92 -0.65 -7.46
N SER B 148 28.63 -0.54 -6.18
CA SER B 148 29.56 -0.98 -5.15
C SER B 148 29.29 -2.44 -4.83
N ASP B 149 30.21 -3.05 -4.07
CA ASP B 149 29.96 -4.37 -3.52
C ASP B 149 29.17 -4.16 -2.23
N ASN B 150 27.85 -4.09 -2.38
CA ASN B 150 26.99 -3.75 -1.24
C ASN B 150 26.88 -4.87 -0.23
N VAL B 151 27.21 -6.10 -0.61
CA VAL B 151 27.27 -7.17 0.38
C VAL B 151 28.46 -6.96 1.31
N ALA B 152 29.61 -6.60 0.73
CA ALA B 152 30.77 -6.28 1.54
C ALA B 152 30.53 -5.03 2.38
N ALA B 153 29.82 -4.04 1.82
CA ALA B 153 29.52 -2.83 2.56
C ALA B 153 28.82 -3.13 3.87
N GLY B 154 27.85 -4.05 3.84
CA GLY B 154 27.20 -4.47 5.08
C GLY B 154 28.14 -5.17 6.04
N LYS B 155 29.13 -5.90 5.51
CA LYS B 155 30.03 -6.65 6.38
C LYS B 155 30.94 -5.72 7.16
N MET B 156 31.52 -4.71 6.50
CA MET B 156 32.40 -3.79 7.21
C MET B 156 31.66 -3.04 8.31
N ALA B 157 30.38 -2.74 8.10
CA ALA B 157 29.57 -2.15 9.16
C ALA B 157 29.57 -3.02 10.41
N ALA B 158 29.13 -4.27 10.27
CA ALA B 158 29.15 -5.20 11.40
C ALA B 158 30.55 -5.45 11.91
N ASP B 159 31.55 -5.45 11.01
CA ASP B 159 32.92 -5.66 11.44
C ASP B 159 33.42 -4.47 12.25
N TYR B 160 33.06 -3.25 11.85
CA TYR B 160 33.42 -2.08 12.64
C TYR B 160 32.77 -2.14 14.01
N ALA B 161 31.50 -2.56 14.06
CA ALA B 161 30.82 -2.68 15.35
C ALA B 161 31.53 -3.68 16.26
N VAL B 162 31.91 -4.84 15.70
CA VAL B 162 32.57 -5.87 16.51
C VAL B 162 33.99 -5.46 16.87
N LYS B 163 34.66 -4.72 15.97
CA LYS B 163 36.01 -4.24 16.28
C LYS B 163 35.99 -3.23 17.43
N LYS B 164 35.00 -2.33 17.43
CA LYS B 164 34.95 -1.25 18.41
C LYS B 164 34.18 -1.61 19.68
N LEU B 165 33.36 -2.65 19.65
CA LEU B 165 32.47 -2.95 20.77
C LEU B 165 32.61 -4.35 21.31
N GLY B 166 33.01 -5.32 20.49
CA GLY B 166 33.09 -6.70 20.92
C GLY B 166 31.79 -7.45 20.69
N LYS B 167 31.85 -8.76 20.92
CA LYS B 167 30.74 -9.63 20.61
C LYS B 167 29.52 -9.30 21.47
N LYS B 168 28.36 -9.80 21.03
CA LYS B 168 27.09 -9.72 21.76
C LYS B 168 26.62 -8.27 21.97
N ALA B 169 27.20 -7.32 21.24
CA ALA B 169 26.76 -5.94 21.34
C ALA B 169 25.34 -5.79 20.81
N LYS B 170 24.62 -4.83 21.38
CA LYS B 170 23.22 -4.60 21.05
C LYS B 170 23.10 -3.51 20.00
N ALA B 171 22.34 -3.79 18.92
CA ALA B 171 22.35 -2.94 17.75
C ALA B 171 20.95 -2.71 17.20
N PHE B 172 20.83 -1.58 16.48
CA PHE B 172 19.71 -1.28 15.60
C PHE B 172 20.17 -1.39 14.16
N GLU B 173 19.29 -1.86 13.27
CA GLU B 173 19.51 -1.80 11.83
C GLU B 173 18.41 -0.97 11.19
N LEU B 174 18.80 -0.13 10.22
CA LEU B 174 17.87 0.70 9.46
C LEU B 174 17.98 0.32 7.99
N SER B 175 17.08 -0.53 7.50
CA SER B 175 17.13 -0.99 6.12
C SER B 175 16.78 0.13 5.15
N GLY B 176 17.00 -0.13 3.87
CA GLY B 176 16.65 0.80 2.81
C GLY B 176 15.34 0.45 2.14
N VAL B 177 15.19 0.91 0.90
CA VAL B 177 14.02 0.60 0.07
C VAL B 177 13.93 -0.91 -0.12
N PRO B 178 12.81 -1.55 0.25
CA PRO B 178 12.80 -3.03 0.33
C PRO B 178 13.10 -3.74 -1.00
N GLY B 179 12.82 -3.12 -2.14
CA GLY B 179 12.99 -3.81 -3.40
C GLY B 179 14.36 -3.66 -4.04
N ALA B 180 15.10 -2.63 -3.62
CA ALA B 180 16.38 -2.30 -4.24
C ALA B 180 17.45 -3.32 -3.87
N SER B 181 18.38 -3.54 -4.81
CA SER B 181 19.43 -4.53 -4.57
C SER B 181 20.36 -4.10 -3.44
N ALA B 182 20.68 -2.80 -3.39
CA ALA B 182 21.66 -2.34 -2.41
C ALA B 182 21.23 -2.63 -0.99
N THR B 183 19.92 -2.67 -0.73
CA THR B 183 19.43 -2.88 0.63
C THR B 183 19.21 -4.34 0.96
N VAL B 184 19.03 -5.21 -0.04
CA VAL B 184 19.10 -6.64 0.25
C VAL B 184 20.55 -7.08 0.39
N ASP B 185 21.44 -6.52 -0.43
CA ASP B 185 22.85 -6.83 -0.34
C ASP B 185 23.43 -6.36 0.99
N ARG B 186 23.09 -5.12 1.38
CA ARG B 186 23.62 -4.59 2.64
C ARG B 186 23.06 -5.34 3.83
N GLY B 187 21.80 -5.76 3.76
CA GLY B 187 21.24 -6.55 4.85
C GLY B 187 21.85 -7.94 4.93
N LYS B 188 22.09 -8.57 3.78
CA LYS B 188 22.63 -9.92 3.77
C LYS B 188 24.07 -9.96 4.26
N GLY B 189 24.88 -8.97 3.88
CA GLY B 189 26.25 -8.90 4.33
C GLY B 189 26.39 -8.49 5.78
N PHE B 190 25.45 -7.68 6.28
CA PHE B 190 25.49 -7.28 7.68
C PHE B 190 25.22 -8.46 8.60
N HIS B 191 24.19 -9.24 8.29
CA HIS B 191 23.80 -10.37 9.13
C HIS B 191 24.73 -11.56 8.99
N SER B 192 25.61 -11.56 7.98
CA SER B 192 26.73 -12.50 7.93
C SER B 192 27.48 -12.52 9.25
N VAL B 193 27.84 -11.33 9.73
CA VAL B 193 28.52 -11.20 11.01
C VAL B 193 27.53 -11.19 12.16
N ALA B 194 26.48 -10.36 12.05
CA ALA B 194 25.61 -10.05 13.16
C ALA B 194 24.75 -11.21 13.62
N LYS B 195 24.61 -12.28 12.82
CA LYS B 195 23.86 -13.43 13.31
C LYS B 195 24.57 -14.08 14.50
N SER B 196 25.90 -14.18 14.45
CA SER B 196 26.66 -14.86 15.49
C SER B 196 27.51 -13.93 16.34
N LYS B 197 27.58 -12.64 16.03
CA LYS B 197 28.46 -11.74 16.75
C LYS B 197 27.78 -10.48 17.27
N LEU B 198 26.48 -10.29 17.02
CA LEU B 198 25.79 -9.10 17.48
C LEU B 198 24.42 -9.47 18.02
N ASP B 199 23.80 -8.50 18.69
CA ASP B 199 22.47 -8.64 19.26
C ASP B 199 21.55 -7.61 18.59
N MET B 200 20.54 -8.09 17.86
CA MET B 200 19.62 -7.21 17.12
C MET B 200 18.46 -6.84 18.02
N LEU B 201 18.46 -5.60 18.51
CA LEU B 201 17.31 -5.11 19.25
C LEU B 201 16.11 -4.92 18.33
N SER B 202 16.35 -4.33 17.15
CA SER B 202 15.30 -4.13 16.17
C SER B 202 15.93 -3.85 14.81
N SER B 203 15.21 -4.20 13.75
CA SER B 203 15.65 -3.97 12.38
C SER B 203 14.43 -3.49 11.58
N GLN B 204 14.37 -2.18 11.34
CA GLN B 204 13.25 -1.57 10.66
C GLN B 204 13.73 -0.80 9.43
N SER B 205 12.88 -0.79 8.41
CA SER B 205 13.20 -0.08 7.17
C SER B 205 12.80 1.39 7.30
N ALA B 206 13.61 2.27 6.71
CA ALA B 206 13.34 3.69 6.72
C ALA B 206 13.42 4.31 5.32
N ASN B 207 13.49 3.47 4.28
CA ASN B 207 13.35 3.89 2.89
C ASN B 207 14.45 4.83 2.43
N PHE B 208 15.63 4.77 3.08
CA PHE B 208 16.78 5.61 2.75
C PHE B 208 16.51 7.08 3.05
N ASP B 209 15.65 7.38 4.03
CA ASP B 209 15.12 8.73 4.22
C ASP B 209 15.54 9.30 5.56
N ARG B 210 15.94 10.57 5.55
CA ARG B 210 16.45 11.24 6.74
C ARG B 210 15.39 11.33 7.85
N ALA B 211 14.20 11.84 7.52
CA ALA B 211 13.18 12.07 8.54
C ALA B 211 12.42 10.80 8.88
N LYS B 212 12.17 9.94 7.88
CA LYS B 212 11.57 8.65 8.17
C LYS B 212 12.48 7.81 9.07
N ALA B 213 13.80 7.99 8.95
CA ALA B 213 14.71 7.31 9.86
C ALA B 213 14.72 7.96 11.23
N LEU B 214 14.64 9.30 11.28
CA LEU B 214 14.52 9.99 12.56
C LEU B 214 13.30 9.49 13.33
N ASN B 215 12.16 9.40 12.65
CA ASN B 215 10.93 8.94 13.30
C ASN B 215 11.04 7.48 13.73
N THR B 216 11.69 6.65 12.91
CA THR B 216 11.81 5.23 13.25
C THR B 216 12.78 5.02 14.40
N THR B 217 13.87 5.79 14.44
CA THR B 217 14.88 5.61 15.47
C THR B 217 14.35 5.98 16.85
N GLN B 218 13.50 7.01 16.93
CA GLN B 218 12.83 7.29 18.19
C GLN B 218 11.93 6.13 18.60
N ASN B 219 11.32 5.44 17.63
CA ASN B 219 10.38 4.36 17.94
C ASN B 219 11.05 3.11 18.49
N MET B 220 12.38 3.00 18.40
CA MET B 220 13.08 1.88 18.98
C MET B 220 14.02 2.27 20.11
N ILE B 221 14.30 3.58 20.28
CA ILE B 221 14.96 4.04 21.50
C ILE B 221 14.05 3.83 22.70
N GLN B 222 12.74 3.86 22.48
CA GLN B 222 11.76 3.52 23.50
C GLN B 222 11.99 2.12 24.06
N GLY B 223 11.71 1.10 23.24
CA GLY B 223 11.72 -0.27 23.73
C GLY B 223 13.06 -0.72 24.30
N HIS B 224 14.15 -0.26 23.70
CA HIS B 224 15.49 -0.71 24.06
C HIS B 224 16.39 0.50 24.25
N LYS B 225 16.58 0.92 25.50
CA LYS B 225 17.40 2.09 25.81
C LYS B 225 18.88 1.74 25.95
N ASP B 226 19.23 0.47 26.07
CA ASP B 226 20.61 0.04 26.25
C ASP B 226 21.34 -0.14 24.92
N VAL B 227 20.90 0.54 23.86
CA VAL B 227 21.48 0.36 22.54
C VAL B 227 22.91 0.92 22.52
N GLN B 228 23.81 0.19 21.85
CA GLN B 228 25.21 0.57 21.76
C GLN B 228 25.66 0.95 20.35
N ILE B 229 24.91 0.54 19.32
CA ILE B 229 25.31 0.75 17.93
C ILE B 229 24.08 0.79 17.05
N ILE B 230 24.13 1.65 16.02
CA ILE B 230 23.09 1.73 15.01
C ILE B 230 23.76 1.59 13.65
N PHE B 231 23.36 0.57 12.88
CA PHE B 231 23.80 0.41 11.50
C PHE B 231 22.70 0.93 10.58
N ALA B 232 22.98 2.01 9.87
CA ALA B 232 22.06 2.57 8.88
C ALA B 232 22.64 2.35 7.50
N GLN B 233 21.87 1.69 6.63
CA GLN B 233 22.33 1.33 5.28
C GLN B 233 22.44 2.53 4.35
N ASN B 234 22.23 3.72 4.91
CA ASN B 234 22.26 4.99 4.20
C ASN B 234 22.90 6.05 5.08
N ASP B 235 23.59 7.01 4.45
CA ASP B 235 24.08 8.14 5.24
C ASP B 235 22.93 9.07 5.61
N GLU B 236 21.97 9.27 4.70
CA GLU B 236 20.77 10.03 5.03
C GLU B 236 20.05 9.42 6.22
N MET B 237 20.03 8.09 6.32
CA MET B 237 19.36 7.45 7.44
C MET B 237 20.19 7.56 8.71
N ALA B 238 21.53 7.57 8.59
CA ALA B 238 22.39 7.71 9.76
C ALA B 238 22.25 9.10 10.38
N LEU B 239 22.09 10.12 9.55
CA LEU B 239 21.88 11.46 10.07
C LEU B 239 20.52 11.58 10.76
N GLY B 240 19.49 10.94 10.18
CA GLY B 240 18.20 10.91 10.85
C GLY B 240 18.29 10.29 12.22
N ALA B 241 19.08 9.21 12.36
CA ALA B 241 19.24 8.57 13.65
C ALA B 241 20.11 9.40 14.58
N ALA B 242 21.11 10.09 14.04
CA ALA B 242 21.97 10.92 14.88
C ALA B 242 21.17 12.03 15.55
N GLN B 243 20.24 12.63 14.83
CA GLN B 243 19.36 13.60 15.44
C GLN B 243 18.50 12.95 16.51
N ALA B 244 18.05 11.72 16.27
CA ALA B 244 17.19 11.04 17.23
C ALA B 244 17.93 10.73 18.53
N VAL B 245 19.19 10.29 18.43
CA VAL B 245 19.90 9.84 19.63
C VAL B 245 20.34 11.01 20.49
N LYS B 246 20.61 12.17 19.89
CA LYS B 246 21.03 13.30 20.69
C LYS B 246 19.86 14.17 21.14
N SER B 247 18.70 14.03 20.51
CA SER B 247 17.47 14.58 21.10
C SER B 247 16.95 13.70 22.23
N ALA B 248 17.60 12.56 22.49
CA ALA B 248 17.22 11.68 23.59
C ALA B 248 18.30 11.61 24.67
N GLY B 249 19.35 12.41 24.55
CA GLY B 249 20.41 12.41 25.53
C GLY B 249 21.36 11.24 25.41
N LEU B 250 20.88 10.13 24.84
CA LEU B 250 21.66 8.90 24.74
C LEU B 250 23.04 9.18 24.15
N GLN B 251 24.07 9.03 24.95
CA GLN B 251 25.44 9.05 24.47
C GLN B 251 25.94 7.61 24.34
N ASN B 252 27.20 7.48 23.94
CA ASN B 252 27.86 6.19 23.82
C ASN B 252 27.11 5.25 22.87
N VAL B 253 26.48 5.83 21.85
CA VAL B 253 25.81 5.07 20.79
C VAL B 253 26.61 5.25 19.51
N LEU B 254 27.19 4.16 19.01
CA LEU B 254 27.98 4.18 17.79
C LEU B 254 27.06 4.11 16.57
N ILE B 255 27.36 4.91 15.55
CA ILE B 255 26.53 4.98 14.35
C ILE B 255 27.41 4.77 13.13
N VAL B 256 27.16 3.68 12.39
CA VAL B 256 27.84 3.40 11.13
C VAL B 256 26.85 3.61 10.00
N GLY B 257 27.20 4.50 9.08
CA GLY B 257 26.41 4.74 7.89
C GLY B 257 27.10 4.19 6.64
N ILE B 258 26.45 4.43 5.50
CA ILE B 258 26.99 4.03 4.21
C ILE B 258 26.67 5.14 3.23
N ASP B 259 27.72 5.70 2.61
CA ASP B 259 27.67 6.57 1.43
C ASP B 259 28.93 7.42 1.29
N GLY B 260 29.43 7.96 2.40
CA GLY B 260 30.52 8.92 2.33
C GLY B 260 30.10 10.33 2.04
N GLN B 261 28.84 10.67 2.35
CA GLN B 261 28.31 12.00 2.09
C GLN B 261 29.09 13.06 2.88
N PRO B 262 29.36 14.23 2.30
CA PRO B 262 30.13 15.25 3.03
C PRO B 262 29.51 15.62 4.37
N ASP B 263 28.18 15.76 4.44
CA ASP B 263 27.52 15.94 5.72
C ASP B 263 27.89 14.83 6.70
N ALA B 264 28.06 13.60 6.20
CA ALA B 264 28.45 12.50 7.07
C ALA B 264 29.89 12.66 7.55
N HIS B 265 30.79 13.12 6.68
CA HIS B 265 32.14 13.46 7.11
C HIS B 265 32.10 14.45 8.27
N ASP B 266 31.22 15.46 8.17
CA ASP B 266 31.09 16.45 9.23
C ASP B 266 30.54 15.82 10.51
N ALA B 267 29.61 14.88 10.38
CA ALA B 267 29.02 14.26 11.57
C ALA B 267 30.04 13.45 12.34
N ILE B 268 31.03 12.84 11.67
CA ILE B 268 32.08 12.15 12.40
C ILE B 268 32.94 13.14 13.19
N LYS B 269 33.25 14.29 12.58
CA LYS B 269 34.05 15.32 13.25
C LYS B 269 33.35 15.81 14.52
N LYS B 270 32.11 16.27 14.37
CA LYS B 270 31.26 16.60 15.51
C LYS B 270 31.21 15.47 16.53
N GLY B 271 31.25 14.22 16.06
CA GLY B 271 30.98 13.08 16.90
C GLY B 271 29.55 12.61 16.85
N ASP B 272 28.70 13.20 16.00
CA ASP B 272 27.29 12.84 15.95
C ASP B 272 27.08 11.45 15.36
N ILE B 273 27.96 11.02 14.46
CA ILE B 273 28.04 9.64 13.99
C ILE B 273 29.49 9.21 14.11
N SER B 274 29.71 7.90 14.07
CA SER B 274 31.04 7.34 14.28
C SER B 274 31.78 7.01 13.00
N ALA B 275 31.11 6.46 11.99
CA ALA B 275 31.81 6.01 10.79
C ALA B 275 30.82 5.90 9.63
N THR B 276 31.38 5.81 8.44
CA THR B 276 30.61 5.63 7.21
C THR B 276 31.45 4.85 6.21
N ILE B 277 30.77 4.20 5.27
CA ILE B 277 31.42 3.45 4.20
C ILE B 277 31.32 4.30 2.94
N ALA B 278 32.46 4.80 2.46
CA ALA B 278 32.48 5.76 1.37
C ALA B 278 32.23 5.07 0.03
N GLN B 279 31.18 5.50 -0.67
CA GLN B 279 30.96 5.13 -2.06
C GLN B 279 31.48 6.25 -2.96
N GLN B 280 31.35 6.04 -4.27
CA GLN B 280 31.79 7.03 -5.26
C GLN B 280 30.66 7.24 -6.25
N PRO B 281 29.62 8.01 -5.88
CA PRO B 281 28.48 8.19 -6.81
C PRO B 281 28.87 8.94 -8.08
N ALA B 282 29.62 10.02 -7.96
CA ALA B 282 30.05 10.77 -9.14
C ALA B 282 30.82 9.88 -10.11
N LYS B 283 31.78 9.11 -9.60
CA LYS B 283 32.58 8.25 -10.47
C LYS B 283 31.73 7.16 -11.11
N MET B 284 30.72 6.66 -10.39
CA MET B 284 29.82 5.66 -10.96
C MET B 284 29.22 6.15 -12.27
N GLY B 285 28.70 7.39 -12.26
CA GLY B 285 28.08 7.92 -13.46
C GLY B 285 29.07 8.20 -14.57
N GLU B 286 30.28 8.63 -14.21
CA GLU B 286 31.35 8.76 -15.20
C GLU B 286 31.59 7.44 -15.91
N ILE B 287 31.78 6.37 -15.14
CA ILE B 287 32.02 5.05 -15.73
C ILE B 287 30.79 4.59 -16.51
N ALA B 288 29.60 4.94 -16.02
CA ALA B 288 28.37 4.50 -16.67
C ALA B 288 28.13 5.22 -17.99
N ILE B 289 28.72 6.40 -18.19
CA ILE B 289 28.63 7.10 -19.47
C ILE B 289 29.71 6.64 -20.43
N GLN B 290 30.91 6.37 -19.92
CA GLN B 290 31.97 5.79 -20.75
C GLN B 290 31.52 4.48 -21.37
N ALA B 291 30.72 3.70 -20.65
CA ALA B 291 30.17 2.48 -21.21
C ALA B 291 29.35 2.79 -22.47
N ALA B 292 28.49 3.81 -22.40
CA ALA B 292 27.71 4.19 -23.58
C ALA B 292 28.64 4.70 -24.69
N ILE B 293 29.65 5.49 -24.34
CA ILE B 293 30.63 5.94 -25.33
C ILE B 293 31.37 4.76 -25.94
N ASP B 294 31.80 3.80 -25.10
CA ASP B 294 32.63 2.70 -25.58
C ASP B 294 31.86 1.73 -26.47
N TYR B 295 30.56 1.53 -26.19
CA TYR B 295 29.78 0.57 -26.97
C TYR B 295 29.66 1.01 -28.43
N TYR B 296 29.45 2.30 -28.66
CA TYR B 296 29.38 2.82 -30.01
C TYR B 296 30.75 3.13 -30.58
N LYS B 297 31.82 2.86 -29.82
CA LYS B 297 33.19 2.93 -30.33
C LYS B 297 33.67 1.59 -30.85
N GLY B 298 32.96 0.49 -30.58
CA GLY B 298 33.40 -0.84 -30.93
C GLY B 298 34.23 -1.53 -29.88
N LYS B 299 34.42 -0.90 -28.71
CA LYS B 299 35.16 -1.48 -27.60
C LYS B 299 34.27 -2.42 -26.80
N LYS B 300 34.92 -3.36 -26.11
CA LYS B 300 34.19 -4.30 -25.26
C LYS B 300 34.19 -3.77 -23.83
N VAL B 301 33.01 -3.67 -23.26
CA VAL B 301 32.84 -3.16 -21.89
C VAL B 301 32.58 -4.35 -20.98
N GLU B 302 33.14 -4.30 -19.77
CA GLU B 302 32.90 -5.35 -18.80
C GLU B 302 31.44 -5.32 -18.36
N LYS B 303 30.83 -6.50 -18.23
CA LYS B 303 29.42 -6.54 -17.84
C LYS B 303 29.22 -6.00 -16.44
N GLU B 304 30.29 -5.79 -15.68
CA GLU B 304 30.15 -5.23 -14.35
C GLU B 304 31.43 -4.50 -13.97
N THR B 305 31.27 -3.28 -13.45
CA THR B 305 32.35 -2.48 -12.91
C THR B 305 32.05 -2.24 -11.44
N ILE B 306 32.90 -2.76 -10.57
CA ILE B 306 32.71 -2.62 -9.13
C ILE B 306 33.46 -1.40 -8.64
N SER B 307 32.75 -0.50 -7.97
CA SER B 307 33.36 0.68 -7.40
C SER B 307 33.94 0.37 -6.01
N PRO B 308 35.13 0.89 -5.72
CA PRO B 308 35.74 0.64 -4.41
C PRO B 308 34.95 1.32 -3.30
N ILE B 309 35.10 0.78 -2.10
CA ILE B 309 34.45 1.35 -0.92
C ILE B 309 35.43 1.35 0.24
N TYR B 310 35.26 2.32 1.14
CA TYR B 310 36.26 2.60 2.16
C TYR B 310 35.57 2.98 3.47
N LEU B 311 36.11 2.47 4.57
CA LEU B 311 35.61 2.86 5.89
C LEU B 311 36.27 4.17 6.31
N VAL B 312 35.44 5.15 6.65
CA VAL B 312 35.88 6.48 7.03
C VAL B 312 35.55 6.68 8.50
N THR B 313 36.60 6.83 9.32
CA THR B 313 36.44 7.15 10.73
C THR B 313 37.11 8.49 11.01
N LYS B 314 37.33 8.79 12.29
CA LYS B 314 37.92 10.07 12.67
C LYS B 314 39.38 10.16 12.26
N ASP B 315 40.08 9.03 12.16
CA ASP B 315 41.49 9.02 11.84
C ASP B 315 41.77 9.16 10.35
N ASN B 316 40.73 9.12 9.50
CA ASN B 316 40.92 9.28 8.06
C ASN B 316 39.75 10.03 7.44
N VAL B 317 39.11 10.92 8.21
CA VAL B 317 37.98 11.70 7.70
C VAL B 317 38.39 12.66 6.59
N GLU B 318 39.69 12.92 6.42
CA GLU B 318 40.17 13.81 5.37
C GLU B 318 40.27 13.14 4.00
N LYS B 319 39.87 11.87 3.89
CA LYS B 319 40.08 11.08 2.70
C LYS B 319 38.75 10.65 2.08
N TYR B 320 38.82 10.30 0.79
CA TYR B 320 37.71 9.68 0.06
C TYR B 320 36.51 10.63 -0.05
N ASN B 321 36.77 11.91 -0.27
CA ASN B 321 35.69 12.89 -0.42
C ASN B 321 35.18 12.92 -1.85
N TRP B 322 33.87 13.14 -1.99
CA TRP B 322 33.21 13.12 -3.31
C TRP B 322 33.72 14.23 -4.23
N VAL C 39 -26.17 -36.85 41.22
CA VAL C 39 -25.34 -38.02 40.81
C VAL C 39 -24.93 -38.82 42.05
N THR C 40 -24.20 -39.92 41.87
CA THR C 40 -23.68 -40.71 43.01
C THR C 40 -22.19 -40.44 43.13
N LYS C 41 -21.73 -40.06 44.32
CA LYS C 41 -20.31 -39.63 44.45
C LYS C 41 -19.39 -40.83 44.69
N LYS C 42 -18.21 -40.81 44.04
CA LYS C 42 -17.24 -41.92 44.18
C LYS C 42 -15.88 -41.34 44.54
N SER C 43 -14.99 -42.17 45.08
CA SER C 43 -13.61 -41.72 45.43
C SER C 43 -12.69 -42.00 44.25
N ALA C 44 -11.55 -41.32 44.19
CA ALA C 44 -10.66 -41.44 43.01
C ALA C 44 -10.26 -42.89 42.77
N LYS C 45 -10.17 -43.70 43.83
CA LYS C 45 -9.70 -45.10 43.68
C LYS C 45 -10.71 -45.90 42.85
N ASP C 46 -11.98 -45.53 42.90
CA ASP C 46 -13.05 -46.27 42.20
C ASP C 46 -13.44 -45.52 40.93
N LEU C 47 -12.48 -44.90 40.24
CA LEU C 47 -12.87 -44.05 39.09
C LEU C 47 -12.30 -44.60 37.78
N LYS C 48 -13.02 -44.40 36.69
CA LYS C 48 -12.63 -44.90 35.38
C LYS C 48 -12.87 -43.79 34.36
N LEU C 49 -11.79 -43.26 33.79
CA LEU C 49 -11.86 -42.13 32.87
C LEU C 49 -11.27 -42.50 31.52
N GLY C 50 -11.95 -42.08 30.46
CA GLY C 50 -11.45 -42.25 29.10
C GLY C 50 -10.89 -40.93 28.57
N VAL C 51 -9.83 -41.04 27.77
CA VAL C 51 -9.11 -39.88 27.27
C VAL C 51 -8.93 -40.04 25.76
N SER C 52 -9.40 -39.06 24.99
CA SER C 52 -9.22 -39.02 23.54
C SER C 52 -8.36 -37.81 23.18
N ILE C 53 -7.16 -38.08 22.64
CA ILE C 53 -6.23 -37.04 22.22
C ILE C 53 -6.27 -36.94 20.71
N SER C 54 -6.04 -35.75 20.17
CA SER C 54 -5.98 -35.56 18.69
C SER C 54 -4.88 -36.42 18.07
N THR C 55 -3.63 -36.27 18.53
CA THR C 55 -2.51 -37.01 17.91
C THR C 55 -1.44 -37.31 18.95
N THR C 56 -0.60 -38.31 18.71
CA THR C 56 0.54 -38.58 19.62
C THR C 56 1.78 -38.36 18.76
N ASN C 57 1.59 -37.83 17.55
CA ASN C 57 2.74 -37.48 16.70
C ASN C 57 3.33 -36.17 17.24
N ASN C 58 2.55 -35.39 17.98
CA ASN C 58 3.07 -34.08 18.42
C ASN C 58 3.79 -34.21 19.77
N PRO C 59 5.09 -33.85 19.96
CA PRO C 59 5.71 -33.86 21.29
C PRO C 59 4.83 -33.23 22.37
N TYR C 60 3.99 -32.28 22.00
CA TYR C 60 3.12 -31.55 22.96
C TYR C 60 2.05 -32.47 23.51
N PHE C 61 1.45 -33.28 22.65
CA PHE C 61 0.33 -34.13 23.10
C PHE C 61 0.90 -35.37 23.79
N VAL C 62 2.16 -35.69 23.53
CA VAL C 62 2.84 -36.81 24.26
C VAL C 62 2.97 -36.34 25.71
N ALA C 63 3.28 -35.07 25.90
CA ALA C 63 3.45 -34.50 27.25
C ALA C 63 2.11 -34.43 27.98
N MET C 64 1.07 -33.97 27.31
CA MET C 64 -0.28 -33.95 27.93
C MET C 64 -0.61 -35.38 28.39
N LYS C 65 -0.38 -36.36 27.53
CA LYS C 65 -0.66 -37.78 27.87
C LYS C 65 0.25 -38.23 29.00
N ASP C 66 1.56 -37.99 28.89
CA ASP C 66 2.52 -38.47 29.91
C ASP C 66 2.15 -37.88 31.28
N GLY C 67 1.74 -36.62 31.31
CA GLY C 67 1.29 -36.01 32.57
C GLY C 67 0.01 -36.65 33.06
N ILE C 68 -0.95 -36.88 32.16
CA ILE C 68 -2.25 -37.51 32.52
C ILE C 68 -1.95 -38.89 33.08
N ASP C 69 -1.08 -39.64 32.42
CA ASP C 69 -0.78 -41.03 32.85
C ASP C 69 -0.27 -41.00 34.29
N LYS C 70 0.74 -40.18 34.57
CA LYS C 70 1.34 -40.16 35.93
C LYS C 70 0.34 -39.66 36.97
N TYR C 71 -0.42 -38.61 36.66
CA TYR C 71 -1.30 -38.03 37.70
C TYR C 71 -2.39 -39.02 38.08
N ALA C 72 -2.84 -39.81 37.12
CA ALA C 72 -3.95 -40.74 37.40
C ALA C 72 -3.42 -41.91 38.22
N SER C 73 -2.14 -42.26 38.04
CA SER C 73 -1.57 -43.33 38.90
C SER C 73 -1.44 -42.81 40.33
N ASN C 74 -1.16 -41.51 40.48
CA ASN C 74 -1.09 -40.91 41.83
C ASN C 74 -2.44 -41.06 42.53
N LYS C 75 -3.51 -40.72 41.83
CA LYS C 75 -4.88 -40.81 42.41
C LYS C 75 -5.40 -42.24 42.27
N LYS C 76 -4.59 -43.15 41.71
CA LYS C 76 -4.99 -44.57 41.55
C LYS C 76 -6.27 -44.64 40.72
N ILE C 77 -6.21 -44.22 39.45
CA ILE C 77 -7.42 -44.20 38.58
C ILE C 77 -7.11 -45.06 37.35
N SER C 78 -8.09 -45.81 36.86
CA SER C 78 -7.90 -46.55 35.59
C SER C 78 -8.12 -45.55 34.47
N ILE C 79 -7.15 -45.44 33.56
CA ILE C 79 -7.27 -44.42 32.49
C ILE C 79 -7.01 -45.10 31.15
N LYS C 80 -7.77 -44.73 30.12
CA LYS C 80 -7.52 -45.26 28.76
C LYS C 80 -7.31 -44.09 27.81
N VAL C 81 -6.08 -43.95 27.28
CA VAL C 81 -5.78 -42.88 26.30
C VAL C 81 -6.00 -43.46 24.89
N ALA C 82 -6.55 -42.65 23.99
CA ALA C 82 -6.79 -43.09 22.61
C ALA C 82 -6.27 -42.04 21.62
N ASP C 83 -5.46 -42.46 20.66
CA ASP C 83 -4.98 -41.53 19.61
C ASP C 83 -6.04 -41.53 18.52
N ALA C 84 -6.45 -40.33 18.09
CA ALA C 84 -7.48 -40.20 17.05
C ALA C 84 -6.78 -39.97 15.73
N GLN C 85 -5.46 -39.87 15.75
CA GLN C 85 -4.67 -39.71 14.51
C GLN C 85 -5.21 -38.52 13.70
N ASP C 86 -5.60 -37.46 14.37
CA ASP C 86 -6.11 -36.23 13.71
C ASP C 86 -7.29 -36.56 12.81
N ASP C 87 -7.97 -37.67 13.07
CA ASP C 87 -9.19 -38.02 12.29
C ASP C 87 -10.38 -37.83 13.21
N ALA C 88 -11.24 -36.88 12.88
CA ALA C 88 -12.40 -36.61 13.72
C ALA C 88 -13.37 -37.79 13.73
N ALA C 89 -13.41 -38.56 12.65
CA ALA C 89 -14.24 -39.76 12.64
C ALA C 89 -13.72 -40.79 13.64
N ARG C 90 -12.41 -41.01 13.65
CA ARG C 90 -11.82 -41.94 14.61
C ARG C 90 -12.05 -41.48 16.04
N GLN C 91 -11.98 -40.17 16.28
CA GLN C 91 -12.18 -39.64 17.61
C GLN C 91 -13.57 -39.97 18.14
N ALA C 92 -14.60 -39.59 17.39
CA ALA C 92 -15.98 -39.87 17.80
C ALA C 92 -16.22 -41.35 18.03
N ASP C 93 -15.54 -42.20 17.26
CA ASP C 93 -15.60 -43.64 17.50
C ASP C 93 -15.07 -43.98 18.89
N ASP C 94 -13.91 -43.43 19.26
CA ASP C 94 -13.37 -43.68 20.59
C ASP C 94 -14.33 -43.19 21.67
N VAL C 95 -14.96 -42.03 21.46
CA VAL C 95 -15.94 -41.55 22.42
C VAL C 95 -17.06 -42.56 22.61
N GLN C 96 -17.49 -43.20 21.51
CA GLN C 96 -18.46 -44.29 21.62
C GLN C 96 -17.89 -45.46 22.42
N ASN C 97 -16.61 -45.78 22.21
CA ASN C 97 -15.99 -46.90 22.90
C ASN C 97 -15.92 -46.66 24.40
N PHE C 98 -15.67 -45.42 24.81
CA PHE C 98 -15.67 -45.08 26.24
C PHE C 98 -17.06 -45.21 26.83
N ILE C 99 -18.08 -44.71 26.12
CA ILE C 99 -19.46 -44.89 26.56
C ILE C 99 -19.77 -46.37 26.73
N SER C 100 -19.29 -47.20 25.80
CA SER C 100 -19.52 -48.64 25.87
C SER C 100 -18.90 -49.24 27.12
N GLN C 101 -17.70 -48.80 27.48
CA GLN C 101 -17.01 -49.29 28.67
C GLN C 101 -17.57 -48.71 29.96
N ASN C 102 -18.53 -47.78 29.88
CA ASN C 102 -19.13 -47.15 31.06
C ASN C 102 -18.07 -46.39 31.87
N VAL C 103 -17.34 -45.50 31.20
CA VAL C 103 -16.37 -44.66 31.90
C VAL C 103 -17.10 -43.66 32.79
N ASP C 104 -16.39 -43.14 33.78
CA ASP C 104 -16.97 -42.17 34.69
C ASP C 104 -16.83 -40.74 34.17
N ALA C 105 -15.89 -40.48 33.27
CA ALA C 105 -15.75 -39.18 32.65
C ALA C 105 -15.04 -39.36 31.32
N ILE C 106 -15.23 -38.41 30.42
CA ILE C 106 -14.57 -38.43 29.11
C ILE C 106 -13.79 -37.13 28.96
N LEU C 107 -12.48 -37.25 28.73
CA LEU C 107 -11.59 -36.10 28.57
C LEU C 107 -11.23 -36.00 27.09
N ILE C 108 -11.73 -34.96 26.42
CA ILE C 108 -11.60 -34.82 24.98
C ILE C 108 -10.59 -33.73 24.66
N ASN C 109 -9.79 -33.95 23.61
CA ASN C 109 -9.02 -32.93 22.92
C ASN C 109 -9.52 -32.93 21.48
N PRO C 110 -10.58 -32.16 21.17
CA PRO C 110 -11.34 -32.38 19.94
C PRO C 110 -10.53 -32.14 18.66
N VAL C 111 -10.56 -33.14 17.77
CA VAL C 111 -9.93 -32.99 16.45
C VAL C 111 -10.56 -31.84 15.69
N ASP C 112 -11.89 -31.75 15.71
CA ASP C 112 -12.63 -30.63 15.13
C ASP C 112 -13.54 -30.08 16.22
N SER C 113 -13.41 -28.77 16.50
CA SER C 113 -14.22 -28.16 17.54
C SER C 113 -15.71 -28.14 17.17
N LYS C 114 -16.01 -28.19 15.87
CA LYS C 114 -17.38 -28.21 15.38
C LYS C 114 -17.94 -29.62 15.24
N ALA C 115 -17.12 -30.56 14.77
CA ALA C 115 -17.61 -31.91 14.49
C ALA C 115 -17.77 -32.75 15.75
N ILE C 116 -17.21 -32.34 16.88
CA ILE C 116 -17.26 -33.14 18.09
C ILE C 116 -18.57 -33.02 18.85
N VAL C 117 -19.45 -32.09 18.47
CA VAL C 117 -20.67 -31.88 19.25
C VAL C 117 -21.60 -33.08 19.11
N THR C 118 -21.65 -33.69 17.92
CA THR C 118 -22.42 -34.90 17.75
C THR C 118 -22.01 -35.94 18.78
N ALA C 119 -20.70 -36.25 18.85
CA ALA C 119 -20.21 -37.23 19.82
C ALA C 119 -20.29 -36.71 21.25
N ILE C 120 -20.16 -35.39 21.45
CA ILE C 120 -20.32 -34.83 22.79
C ILE C 120 -21.74 -35.05 23.28
N LYS C 121 -22.73 -34.83 22.41
CA LYS C 121 -24.12 -35.02 22.81
C LYS C 121 -24.44 -36.48 23.06
N SER C 122 -23.77 -37.39 22.34
CA SER C 122 -23.91 -38.81 22.64
C SER C 122 -23.41 -39.13 24.04
N ALA C 123 -22.38 -38.43 24.50
CA ALA C 123 -21.92 -38.61 25.88
C ALA C 123 -22.87 -37.97 26.87
N ASN C 124 -23.48 -36.83 26.51
CA ASN C 124 -24.48 -36.23 27.37
C ASN C 124 -25.67 -37.15 27.55
N ASN C 125 -26.08 -37.84 26.49
CA ASN C 125 -27.23 -38.73 26.58
C ASN C 125 -26.96 -39.91 27.51
N ALA C 126 -25.69 -40.29 27.68
CA ALA C 126 -25.34 -41.39 28.56
C ALA C 126 -25.08 -40.93 30.00
N ASN C 127 -25.26 -39.64 30.29
CA ASN C 127 -24.98 -39.07 31.60
C ASN C 127 -23.52 -39.28 32.00
N ILE C 128 -22.63 -39.00 31.06
CA ILE C 128 -21.18 -39.06 31.27
C ILE C 128 -20.63 -37.63 31.17
N PRO C 129 -20.00 -37.11 32.22
CA PRO C 129 -19.38 -35.78 32.12
C PRO C 129 -18.29 -35.75 31.05
N VAL C 130 -18.23 -34.64 30.32
CA VAL C 130 -17.22 -34.41 29.30
C VAL C 130 -16.32 -33.26 29.75
N ILE C 131 -15.01 -33.46 29.64
CA ILE C 131 -14.02 -32.44 29.96
C ILE C 131 -13.19 -32.19 28.71
N LEU C 132 -13.26 -30.97 28.18
CA LEU C 132 -12.41 -30.61 27.06
C LEU C 132 -11.04 -30.17 27.55
N MET C 133 -10.02 -30.40 26.72
CA MET C 133 -8.66 -29.97 27.01
C MET C 133 -8.07 -29.28 25.79
N ASP C 134 -7.34 -28.18 26.03
CA ASP C 134 -6.51 -27.55 25.00
C ASP C 134 -7.32 -26.94 23.87
N ARG C 135 -8.37 -27.62 23.43
CA ARG C 135 -9.32 -27.12 22.44
C ARG C 135 -10.72 -27.15 23.04
N GLY C 136 -11.62 -26.40 22.42
CA GLY C 136 -12.99 -26.35 22.88
C GLY C 136 -13.95 -26.91 21.85
N SER C 137 -15.25 -26.81 22.12
CA SER C 137 -16.28 -27.24 21.19
C SER C 137 -17.17 -26.05 20.84
N GLU C 138 -18.02 -26.26 19.83
CA GLU C 138 -18.99 -25.27 19.41
C GLU C 138 -20.37 -25.51 20.03
N GLY C 139 -20.47 -26.43 20.98
CA GLY C 139 -21.74 -26.70 21.63
C GLY C 139 -21.65 -27.96 22.44
N GLY C 140 -22.79 -28.37 22.99
CA GLY C 140 -22.82 -29.56 23.83
C GLY C 140 -22.52 -29.23 25.28
N LYS C 141 -23.08 -30.04 26.17
CA LYS C 141 -22.97 -29.82 27.61
C LYS C 141 -21.62 -30.34 28.09
N VAL C 142 -20.69 -29.43 28.35
CA VAL C 142 -19.35 -29.77 28.79
C VAL C 142 -19.18 -29.27 30.22
N LEU C 143 -18.57 -30.11 31.07
CA LEU C 143 -18.41 -29.77 32.48
C LEU C 143 -17.42 -28.63 32.67
N THR C 144 -16.28 -28.69 32.00
CA THR C 144 -15.27 -27.65 32.09
C THR C 144 -14.42 -27.68 30.83
N THR C 145 -13.82 -26.54 30.49
CA THR C 145 -12.87 -26.44 29.41
C THR C 145 -11.53 -25.93 29.96
N VAL C 146 -10.46 -26.66 29.69
CA VAL C 146 -9.12 -26.32 30.16
C VAL C 146 -8.25 -26.06 28.94
N ALA C 147 -7.82 -24.82 28.77
CA ALA C 147 -7.06 -24.43 27.59
C ALA C 147 -6.45 -23.06 27.82
N SER C 148 -5.53 -22.70 26.94
CA SER C 148 -4.98 -21.36 26.92
C SER C 148 -5.90 -20.43 26.14
N ASP C 149 -5.71 -19.12 26.34
CA ASP C 149 -6.42 -18.10 25.56
C ASP C 149 -5.69 -17.98 24.22
N ASN C 150 -6.09 -18.84 23.28
CA ASN C 150 -5.36 -18.92 22.02
C ASN C 150 -5.56 -17.71 21.13
N VAL C 151 -6.61 -16.92 21.38
CA VAL C 151 -6.67 -15.58 20.80
C VAL C 151 -5.52 -14.74 21.32
N ALA C 152 -5.29 -14.78 22.64
CA ALA C 152 -4.19 -14.03 23.24
C ALA C 152 -2.84 -14.54 22.75
N ALA C 153 -2.73 -15.85 22.53
CA ALA C 153 -1.47 -16.41 22.04
C ALA C 153 -1.09 -15.79 20.71
N GLY C 154 -2.06 -15.65 19.81
CA GLY C 154 -1.79 -15.02 18.52
C GLY C 154 -1.43 -13.55 18.67
N LYS C 155 -2.00 -12.88 19.67
CA LYS C 155 -1.63 -11.49 19.93
C LYS C 155 -0.14 -11.37 20.19
N MET C 156 0.35 -12.07 21.22
CA MET C 156 1.76 -11.98 21.61
C MET C 156 2.68 -12.22 20.43
N ALA C 157 2.39 -13.23 19.63
CA ALA C 157 3.23 -13.52 18.47
C ALA C 157 3.29 -12.33 17.53
N ALA C 158 2.18 -11.62 17.35
CA ALA C 158 2.17 -10.44 16.51
C ALA C 158 2.78 -9.24 17.22
N ASP C 159 2.52 -9.11 18.53
CA ASP C 159 3.05 -7.99 19.30
C ASP C 159 4.57 -8.05 19.38
N TYR C 160 5.13 -9.24 19.57
CA TYR C 160 6.58 -9.40 19.57
C TYR C 160 7.16 -9.00 18.22
N ALA C 161 6.60 -9.54 17.13
CA ALA C 161 7.11 -9.23 15.80
C ALA C 161 7.08 -7.74 15.50
N VAL C 162 6.06 -7.03 16.01
CA VAL C 162 5.97 -5.60 15.75
C VAL C 162 7.08 -4.84 16.47
N LYS C 163 7.39 -5.24 17.71
CA LYS C 163 8.44 -4.57 18.46
C LYS C 163 9.80 -4.71 17.79
N LYS C 164 10.03 -5.83 17.10
CA LYS C 164 11.37 -6.18 16.64
C LYS C 164 11.61 -5.94 15.15
N LEU C 165 10.57 -5.65 14.36
CA LEU C 165 10.77 -5.64 12.91
C LEU C 165 10.08 -4.51 12.15
N GLY C 166 9.24 -3.71 12.76
CA GLY C 166 8.72 -2.53 12.09
C GLY C 166 7.32 -2.71 11.52
N LYS C 167 6.94 -1.74 10.70
CA LYS C 167 5.56 -1.61 10.22
C LYS C 167 5.30 -2.35 8.92
N LYS C 168 6.23 -2.29 7.97
CA LYS C 168 6.06 -2.92 6.67
C LYS C 168 6.84 -4.22 6.55
N ALA C 169 7.07 -4.90 7.67
CA ALA C 169 7.89 -6.11 7.68
C ALA C 169 7.13 -7.27 7.03
N LYS C 170 7.78 -7.94 6.09
CA LYS C 170 7.16 -9.03 5.35
C LYS C 170 6.98 -10.25 6.26
N ALA C 171 5.76 -10.75 6.33
CA ALA C 171 5.41 -11.83 7.26
C ALA C 171 4.74 -12.99 6.52
N PHE C 172 4.89 -14.18 7.09
CA PHE C 172 4.28 -15.40 6.57
C PHE C 172 3.72 -16.20 7.74
N GLU C 173 2.52 -16.73 7.59
CA GLU C 173 1.84 -17.45 8.66
C GLU C 173 1.66 -18.92 8.30
N LEU C 174 2.07 -19.80 9.21
CA LEU C 174 1.79 -21.23 9.13
C LEU C 174 0.70 -21.56 10.14
N SER C 175 -0.46 -21.99 9.65
CA SER C 175 -1.57 -22.37 10.52
C SER C 175 -1.63 -23.87 10.67
N GLY C 176 -2.46 -24.31 11.61
CA GLY C 176 -2.58 -25.73 11.92
C GLY C 176 -3.82 -26.36 11.30
N VAL C 177 -4.40 -27.30 12.01
CA VAL C 177 -5.61 -28.00 11.54
C VAL C 177 -6.75 -27.00 11.44
N PRO C 178 -7.41 -26.88 10.29
CA PRO C 178 -8.42 -25.81 10.12
C PRO C 178 -9.59 -25.91 11.07
N GLY C 179 -10.01 -27.12 11.44
CA GLY C 179 -11.22 -27.31 12.20
C GLY C 179 -11.08 -27.20 13.70
N ALA C 180 -9.91 -26.83 14.21
CA ALA C 180 -9.66 -26.74 15.64
C ALA C 180 -9.80 -25.31 16.11
N SER C 181 -10.45 -25.12 17.26
CA SER C 181 -10.62 -23.77 17.80
C SER C 181 -9.27 -23.07 18.01
N ALA C 182 -8.23 -23.85 18.34
CA ALA C 182 -6.92 -23.27 18.63
C ALA C 182 -6.29 -22.62 17.40
N THR C 183 -6.61 -23.11 16.20
CA THR C 183 -6.07 -22.50 14.99
C THR C 183 -6.89 -21.30 14.54
N VAL C 184 -8.21 -21.34 14.78
CA VAL C 184 -9.04 -20.20 14.41
C VAL C 184 -8.88 -19.08 15.42
N ASP C 185 -8.55 -19.41 16.66
CA ASP C 185 -8.29 -18.38 17.66
C ASP C 185 -6.90 -17.80 17.48
N ARG C 186 -5.91 -18.63 17.16
CA ARG C 186 -4.56 -18.11 16.95
C ARG C 186 -4.49 -17.24 15.71
N GLY C 187 -5.26 -17.56 14.67
CA GLY C 187 -5.29 -16.71 13.51
C GLY C 187 -5.93 -15.37 13.81
N LYS C 188 -7.10 -15.38 14.44
CA LYS C 188 -7.81 -14.15 14.75
C LYS C 188 -6.98 -13.22 15.62
N GLY C 189 -6.39 -13.77 16.70
CA GLY C 189 -5.58 -12.93 17.57
C GLY C 189 -4.35 -12.38 16.88
N PHE C 190 -3.73 -13.18 16.01
CA PHE C 190 -2.53 -12.73 15.31
C PHE C 190 -2.87 -11.68 14.26
N HIS C 191 -3.86 -11.96 13.41
CA HIS C 191 -4.22 -11.04 12.34
C HIS C 191 -4.78 -9.72 12.87
N SER C 192 -5.31 -9.71 14.09
CA SER C 192 -5.80 -8.46 14.67
C SER C 192 -4.73 -7.40 14.68
N VAL C 193 -3.49 -7.78 14.96
CA VAL C 193 -2.38 -6.83 15.06
C VAL C 193 -1.55 -6.80 13.78
N ALA C 194 -1.35 -7.96 13.14
CA ALA C 194 -0.40 -8.02 12.05
C ALA C 194 -0.98 -7.56 10.72
N LYS C 195 -2.29 -7.66 10.52
CA LYS C 195 -2.90 -7.28 9.25
C LYS C 195 -2.49 -5.85 8.87
N SER C 196 -2.72 -4.90 9.76
CA SER C 196 -2.39 -3.51 9.49
C SER C 196 -0.91 -3.21 9.73
N LYS C 197 -0.38 -3.69 10.85
CA LYS C 197 0.95 -3.33 11.31
C LYS C 197 2.07 -4.19 10.71
N LEU C 198 1.77 -4.97 9.67
CA LEU C 198 2.78 -5.82 9.04
C LEU C 198 2.43 -5.96 7.57
N ASP C 199 2.99 -6.96 6.90
CA ASP C 199 2.70 -7.25 5.50
C ASP C 199 2.38 -8.73 5.38
N MET C 200 1.09 -9.05 5.27
CA MET C 200 0.62 -10.43 5.08
C MET C 200 1.06 -10.98 3.74
N LEU C 201 2.25 -11.58 3.67
CA LEU C 201 2.69 -12.13 2.39
C LEU C 201 1.90 -13.38 2.03
N SER C 202 1.61 -14.24 3.01
CA SER C 202 0.84 -15.45 2.79
C SER C 202 0.44 -16.04 4.14
N SER C 203 -0.70 -16.72 4.15
CA SER C 203 -1.16 -17.48 5.31
C SER C 203 -1.55 -18.87 4.84
N GLN C 204 -0.67 -19.83 5.06
CA GLN C 204 -0.88 -21.21 4.65
C GLN C 204 -1.12 -22.09 5.87
N SER C 205 -1.39 -23.37 5.62
CA SER C 205 -1.63 -24.35 6.66
C SER C 205 -0.66 -25.50 6.50
N ALA C 206 -0.11 -25.97 7.63
CA ALA C 206 0.71 -27.18 7.64
C ALA C 206 0.18 -28.21 8.63
N ASN C 207 -1.08 -28.08 9.06
CA ASN C 207 -1.79 -29.12 9.80
C ASN C 207 -1.03 -29.53 11.07
N PHE C 208 -0.44 -28.55 11.74
CA PHE C 208 0.26 -28.75 13.01
C PHE C 208 1.42 -29.73 12.87
N ASP C 209 1.93 -29.91 11.65
CA ASP C 209 2.88 -30.95 11.32
C ASP C 209 4.26 -30.36 11.04
N ARG C 210 5.29 -31.08 11.47
CA ARG C 210 6.67 -30.62 11.29
C ARG C 210 7.10 -30.77 9.84
N ALA C 211 6.92 -31.96 9.27
CA ALA C 211 7.35 -32.21 7.90
C ALA C 211 6.72 -31.22 6.93
N LYS C 212 5.39 -31.10 6.97
CA LYS C 212 4.68 -30.23 6.03
C LYS C 212 5.16 -28.79 6.13
N ALA C 213 5.40 -28.31 7.35
CA ALA C 213 5.87 -26.94 7.51
C ALA C 213 7.26 -26.76 6.91
N LEU C 214 8.11 -27.78 7.01
CA LEU C 214 9.42 -27.72 6.37
C LEU C 214 9.25 -27.61 4.85
N ASN C 215 8.43 -28.48 4.27
CA ASN C 215 8.21 -28.46 2.83
C ASN C 215 7.47 -27.18 2.40
N THR C 216 6.48 -26.75 3.18
CA THR C 216 5.73 -25.55 2.81
C THR C 216 6.61 -24.31 2.88
N THR C 217 7.39 -24.17 3.94
CA THR C 217 8.28 -23.02 4.05
C THR C 217 9.36 -23.03 2.97
N GLN C 218 9.75 -24.21 2.49
CA GLN C 218 10.77 -24.28 1.46
C GLN C 218 10.33 -23.57 0.18
N ASN C 219 9.04 -23.62 -0.14
CA ASN C 219 8.55 -22.90 -1.31
C ASN C 219 8.29 -21.43 -1.02
N MET C 220 8.13 -21.06 0.25
CA MET C 220 8.09 -19.65 0.63
C MET C 220 9.37 -18.94 0.25
N ILE C 221 10.51 -19.47 0.73
CA ILE C 221 11.77 -18.72 0.77
C ILE C 221 12.20 -18.28 -0.62
N GLN C 222 11.92 -19.09 -1.64
CA GLN C 222 12.38 -18.76 -2.99
C GLN C 222 11.63 -17.58 -3.56
N GLY C 223 10.30 -17.67 -3.60
CA GLY C 223 9.51 -16.56 -4.09
C GLY C 223 9.75 -15.28 -3.31
N HIS C 224 9.93 -15.40 -2.00
CA HIS C 224 10.08 -14.24 -1.11
C HIS C 224 11.28 -14.49 -0.20
N LYS C 225 12.48 -14.13 -0.67
CA LYS C 225 13.64 -14.06 0.20
C LYS C 225 13.66 -12.79 1.04
N ASP C 226 12.65 -11.94 0.90
CA ASP C 226 12.49 -10.73 1.71
C ASP C 226 11.75 -11.00 3.01
N VAL C 227 11.36 -12.24 3.27
CA VAL C 227 10.62 -12.55 4.50
C VAL C 227 11.51 -12.28 5.71
N GLN C 228 10.96 -11.53 6.66
CA GLN C 228 11.69 -11.20 7.87
C GLN C 228 11.11 -11.85 9.12
N ILE C 229 9.88 -12.33 9.06
CA ILE C 229 9.21 -12.93 10.21
C ILE C 229 8.33 -14.08 9.72
N ILE C 230 8.36 -15.19 10.46
CA ILE C 230 7.50 -16.35 10.23
C ILE C 230 6.82 -16.69 11.55
N PHE C 231 5.50 -16.80 11.52
CA PHE C 231 4.73 -17.17 12.69
C PHE C 231 4.17 -18.57 12.48
N ALA C 232 4.54 -19.50 13.35
CA ALA C 232 4.03 -20.86 13.33
C ALA C 232 3.10 -21.04 14.51
N GLN C 233 1.84 -21.38 14.25
CA GLN C 233 0.85 -21.50 15.30
C GLN C 233 1.11 -22.64 16.26
N ASN C 234 2.11 -23.49 15.99
CA ASN C 234 2.61 -24.45 16.98
C ASN C 234 4.11 -24.59 16.78
N ASP C 235 4.76 -25.29 17.72
CA ASP C 235 6.22 -25.37 17.70
C ASP C 235 6.73 -26.37 16.67
N GLU C 236 6.00 -27.46 16.43
CA GLU C 236 6.44 -28.43 15.43
C GLU C 236 6.61 -27.79 14.07
N MET C 237 5.77 -26.81 13.75
CA MET C 237 5.92 -26.13 12.48
C MET C 237 7.01 -25.07 12.53
N ALA C 238 7.27 -24.50 13.71
CA ALA C 238 8.36 -23.56 13.82
C ALA C 238 9.71 -24.29 13.72
N LEU C 239 9.82 -25.46 14.34
CA LEU C 239 11.03 -26.26 14.20
C LEU C 239 11.24 -26.70 12.75
N GLY C 240 10.16 -27.05 12.06
CA GLY C 240 10.27 -27.43 10.66
C GLY C 240 10.57 -26.24 9.76
N ALA C 241 9.99 -25.09 10.08
CA ALA C 241 10.31 -23.87 9.33
C ALA C 241 11.77 -23.48 9.52
N ALA C 242 12.31 -23.70 10.72
CA ALA C 242 13.71 -23.34 11.00
C ALA C 242 14.67 -24.14 10.11
N GLN C 243 14.38 -25.42 9.88
CA GLN C 243 15.20 -26.22 8.97
C GLN C 243 15.27 -25.59 7.59
N ALA C 244 14.13 -25.09 7.09
CA ALA C 244 14.10 -24.46 5.77
C ALA C 244 14.95 -23.20 5.76
N VAL C 245 14.71 -22.28 6.72
CA VAL C 245 15.44 -21.02 6.77
C VAL C 245 16.94 -21.25 6.82
N LYS C 246 17.39 -22.20 7.65
CA LYS C 246 18.81 -22.45 7.81
C LYS C 246 19.42 -22.98 6.52
N SER C 247 18.74 -23.93 5.87
CA SER C 247 19.23 -24.47 4.61
C SER C 247 19.24 -23.43 3.49
N ALA C 248 18.48 -22.35 3.65
CA ALA C 248 18.42 -21.32 2.63
C ALA C 248 19.46 -20.21 2.82
N GLY C 249 20.16 -20.20 3.94
CA GLY C 249 21.14 -19.15 4.19
C GLY C 249 20.56 -17.83 4.64
N LEU C 250 19.30 -17.81 5.07
CA LEU C 250 18.69 -16.59 5.53
C LEU C 250 19.00 -16.38 7.01
N GLN C 251 19.36 -15.15 7.37
CA GLN C 251 19.86 -14.85 8.70
C GLN C 251 19.11 -13.73 9.42
N ASN C 252 18.09 -13.13 8.80
CA ASN C 252 17.28 -12.11 9.46
C ASN C 252 15.82 -12.51 9.55
N VAL C 253 15.53 -13.81 9.48
CA VAL C 253 14.17 -14.31 9.49
C VAL C 253 13.82 -14.69 10.93
N LEU C 254 13.04 -13.82 11.58
CA LEU C 254 12.51 -14.15 12.89
C LEU C 254 11.49 -15.28 12.76
N ILE C 255 11.49 -16.19 13.72
CA ILE C 255 10.57 -17.33 13.74
C ILE C 255 9.94 -17.37 15.11
N VAL C 256 8.64 -17.10 15.18
CA VAL C 256 7.88 -17.16 16.43
C VAL C 256 6.94 -18.36 16.36
N GLY C 257 6.90 -19.14 17.44
CA GLY C 257 6.05 -20.30 17.53
C GLY C 257 5.14 -20.24 18.76
N ILE C 258 4.38 -21.31 18.92
CA ILE C 258 3.51 -21.49 20.08
C ILE C 258 3.72 -22.90 20.61
N ASP C 259 3.47 -23.07 21.91
CA ASP C 259 3.85 -24.18 22.78
C ASP C 259 5.16 -23.84 23.46
N GLY C 260 5.67 -24.74 24.30
CA GLY C 260 6.94 -24.51 24.94
C GLY C 260 7.84 -25.72 24.87
N GLN C 261 7.96 -26.30 23.68
CA GLN C 261 8.72 -27.53 23.51
C GLN C 261 10.16 -27.32 23.94
N PRO C 262 10.75 -28.26 24.70
CA PRO C 262 12.18 -28.14 25.02
C PRO C 262 13.06 -28.03 23.79
N ASP C 263 12.72 -28.73 22.71
CA ASP C 263 13.46 -28.55 21.46
C ASP C 263 13.28 -27.17 20.87
N ALA C 264 12.19 -26.47 21.20
CA ALA C 264 12.04 -25.09 20.78
C ALA C 264 12.89 -24.16 21.65
N HIS C 265 12.96 -24.44 22.96
CA HIS C 265 13.87 -23.71 23.82
C HIS C 265 15.31 -23.85 23.36
N ASP C 266 15.71 -25.07 22.99
CA ASP C 266 17.04 -25.25 22.42
C ASP C 266 17.20 -24.45 21.14
N ALA C 267 16.18 -24.49 20.27
CA ALA C 267 16.22 -23.73 19.02
C ALA C 267 16.50 -22.26 19.28
N ILE C 268 15.87 -21.68 20.30
CA ILE C 268 16.13 -20.28 20.64
C ILE C 268 17.58 -20.12 21.10
N LYS C 269 18.06 -21.04 21.93
CA LYS C 269 19.45 -20.97 22.41
C LYS C 269 20.42 -20.97 21.24
N LYS C 270 20.30 -21.96 20.35
CA LYS C 270 21.17 -22.03 19.20
C LYS C 270 20.88 -20.95 18.17
N GLY C 271 19.77 -20.24 18.30
CA GLY C 271 19.42 -19.17 17.38
C GLY C 271 18.62 -19.58 16.17
N ASP C 272 18.13 -20.83 16.10
CA ASP C 272 17.34 -21.27 14.96
C ASP C 272 15.93 -20.70 14.98
N ILE C 273 15.38 -20.47 16.18
CA ILE C 273 14.06 -19.89 16.36
C ILE C 273 14.21 -18.68 17.27
N SER C 274 13.37 -17.66 17.06
CA SER C 274 13.52 -16.42 17.80
C SER C 274 12.73 -16.37 19.10
N ALA C 275 11.57 -17.03 19.16
CA ALA C 275 10.74 -16.96 20.36
C ALA C 275 9.63 -18.00 20.27
N THR C 276 8.93 -18.19 21.40
CA THR C 276 7.74 -19.03 21.43
C THR C 276 6.85 -18.59 22.59
N ILE C 277 5.57 -18.91 22.47
CA ILE C 277 4.58 -18.67 23.51
C ILE C 277 4.44 -19.99 24.26
N ALA C 278 5.03 -20.08 25.44
CA ALA C 278 5.02 -21.32 26.20
C ALA C 278 3.61 -21.68 26.65
N GLN C 279 3.27 -22.96 26.55
CA GLN C 279 2.02 -23.49 27.08
C GLN C 279 2.32 -24.47 28.20
N GLN C 280 1.27 -24.89 28.91
CA GLN C 280 1.38 -25.80 30.05
C GLN C 280 0.54 -27.04 29.76
N PRO C 281 1.05 -27.97 28.94
CA PRO C 281 0.22 -29.10 28.49
C PRO C 281 0.07 -30.19 29.55
N ALA C 282 1.15 -30.52 30.24
CA ALA C 282 1.07 -31.53 31.30
C ALA C 282 0.20 -31.04 32.45
N LYS C 283 0.15 -29.73 32.68
CA LYS C 283 -0.70 -29.21 33.75
C LYS C 283 -2.15 -29.04 33.30
N MET C 284 -2.37 -28.78 32.01
CA MET C 284 -3.74 -28.78 31.48
C MET C 284 -4.41 -30.13 31.72
N GLY C 285 -3.72 -31.22 31.37
CA GLY C 285 -4.29 -32.53 31.58
C GLY C 285 -4.41 -32.89 33.05
N GLU C 286 -3.43 -32.46 33.85
CA GLU C 286 -3.45 -32.77 35.28
C GLU C 286 -4.74 -32.28 35.92
N ILE C 287 -5.02 -30.98 35.80
CA ILE C 287 -6.22 -30.44 36.42
C ILE C 287 -7.48 -30.85 35.67
N ALA C 288 -7.36 -31.33 34.43
CA ALA C 288 -8.50 -31.95 33.76
C ALA C 288 -8.97 -33.19 34.50
N ILE C 289 -8.04 -34.06 34.90
CA ILE C 289 -8.36 -35.17 35.79
C ILE C 289 -9.00 -34.66 37.07
N GLN C 290 -8.48 -33.56 37.62
CA GLN C 290 -8.99 -33.06 38.90
C GLN C 290 -10.43 -32.63 38.80
N ALA C 291 -10.86 -32.11 37.65
CA ALA C 291 -12.26 -31.76 37.48
C ALA C 291 -13.14 -32.99 37.59
N ALA C 292 -12.69 -34.12 37.05
CA ALA C 292 -13.44 -35.37 37.17
C ALA C 292 -13.52 -35.82 38.63
N ILE C 293 -12.38 -35.79 39.34
CA ILE C 293 -12.39 -36.12 40.77
C ILE C 293 -13.27 -35.13 41.53
N ASP C 294 -13.07 -33.83 41.30
CA ASP C 294 -13.80 -32.81 42.05
C ASP C 294 -15.29 -32.84 41.74
N TYR C 295 -15.70 -33.42 40.61
CA TYR C 295 -17.11 -33.56 40.29
C TYR C 295 -17.82 -34.36 41.37
N TYR C 296 -17.52 -35.65 41.44
CA TYR C 296 -17.88 -36.44 42.61
C TYR C 296 -17.26 -35.80 43.85
N LYS C 297 -17.99 -35.86 44.96
CA LYS C 297 -17.82 -35.14 46.24
C LYS C 297 -18.34 -33.71 46.06
N GLY C 298 -19.06 -33.43 44.97
CA GLY C 298 -19.83 -32.20 44.83
C GLY C 298 -19.06 -30.90 44.82
N LYS C 299 -17.74 -30.96 44.76
CA LYS C 299 -16.92 -29.77 44.69
C LYS C 299 -17.13 -29.10 43.33
N LYS C 300 -17.98 -28.08 43.29
CA LYS C 300 -18.31 -27.43 42.03
C LYS C 300 -17.05 -26.84 41.38
N VAL C 301 -16.84 -27.18 40.12
CA VAL C 301 -15.65 -26.76 39.37
C VAL C 301 -16.07 -25.69 38.36
N GLU C 302 -15.09 -24.86 37.99
CA GLU C 302 -15.36 -23.76 37.07
C GLU C 302 -15.72 -24.29 35.68
N LYS C 303 -16.65 -23.61 35.02
CA LYS C 303 -17.03 -24.04 33.67
C LYS C 303 -15.89 -23.80 32.68
N GLU C 304 -15.01 -22.86 32.97
CA GLU C 304 -13.84 -22.58 32.13
C GLU C 304 -12.62 -22.45 33.01
N THR C 305 -11.45 -22.67 32.41
CA THR C 305 -10.17 -22.57 33.09
C THR C 305 -9.11 -22.22 32.06
N ILE C 306 -8.37 -21.16 32.31
CA ILE C 306 -7.44 -20.60 31.32
C ILE C 306 -6.02 -20.97 31.73
N SER C 307 -5.30 -21.63 30.83
CA SER C 307 -3.89 -21.94 31.03
C SER C 307 -3.05 -20.71 30.81
N PRO C 308 -2.12 -20.38 31.71
CA PRO C 308 -1.26 -19.22 31.48
C PRO C 308 -0.31 -19.48 30.32
N ILE C 309 -0.08 -18.43 29.53
CA ILE C 309 0.87 -18.48 28.43
C ILE C 309 1.88 -17.36 28.62
N TYR C 310 3.15 -17.66 28.34
CA TYR C 310 4.25 -16.75 28.59
C TYR C 310 5.13 -16.65 27.34
N LEU C 311 5.61 -15.45 27.06
CA LEU C 311 6.54 -15.24 25.95
C LEU C 311 7.95 -15.63 26.39
N VAL C 312 8.58 -16.55 25.67
CA VAL C 312 9.93 -17.02 25.99
C VAL C 312 10.83 -16.67 24.81
N THR C 313 11.77 -15.77 25.03
CA THR C 313 12.77 -15.39 24.05
C THR C 313 14.16 -15.81 24.55
N LYS C 314 15.20 -15.21 23.98
CA LYS C 314 16.56 -15.56 24.38
C LYS C 314 16.84 -15.13 25.82
N ASP C 315 16.17 -14.09 26.32
CA ASP C 315 16.44 -13.55 27.63
C ASP C 315 15.78 -14.34 28.75
N ASN C 316 15.02 -15.40 28.45
CA ASN C 316 14.48 -16.24 29.50
C ASN C 316 14.25 -17.67 28.98
N VAL C 317 15.18 -18.18 28.17
CA VAL C 317 15.04 -19.54 27.63
C VAL C 317 14.91 -20.56 28.75
N GLU C 318 15.46 -20.24 29.93
CA GLU C 318 15.42 -21.16 31.04
C GLU C 318 14.02 -21.27 31.64
N LYS C 319 13.25 -20.18 31.60
CA LYS C 319 11.99 -20.12 32.33
C LYS C 319 10.89 -20.89 31.60
N TYR C 320 9.90 -21.32 32.38
CA TYR C 320 8.63 -21.85 31.89
C TYR C 320 8.80 -23.13 31.07
N ASN C 321 9.94 -23.80 31.19
CA ASN C 321 10.16 -25.05 30.48
C ASN C 321 9.23 -26.15 31.02
N TRP C 322 8.90 -27.09 30.15
CA TRP C 322 7.96 -28.17 30.49
C TRP C 322 8.50 -29.08 31.59
N GLY D 50 -1.95 7.12 14.64
CA GLY D 50 -2.73 6.32 15.58
C GLY D 50 -4.15 6.07 15.13
N VAL D 51 -4.31 5.33 14.02
CA VAL D 51 -5.60 5.12 13.39
C VAL D 51 -6.22 3.83 13.93
N SER D 52 -7.44 3.93 14.44
CA SER D 52 -8.20 2.78 14.93
C SER D 52 -9.36 2.51 13.98
N ILE D 53 -9.28 1.39 13.28
CA ILE D 53 -10.30 0.98 12.32
C ILE D 53 -11.14 -0.12 12.96
N SER D 54 -12.47 -0.09 12.74
CA SER D 54 -13.34 -1.08 13.38
C SER D 54 -13.07 -2.48 12.84
N THR D 55 -13.05 -2.64 11.52
CA THR D 55 -12.77 -3.95 10.92
C THR D 55 -12.10 -3.75 9.57
N THR D 56 -11.39 -4.78 9.11
CA THR D 56 -10.80 -4.77 7.78
C THR D 56 -11.28 -5.93 6.90
N ASN D 57 -12.20 -6.75 7.40
CA ASN D 57 -12.89 -7.74 6.58
C ASN D 57 -13.85 -7.10 5.59
N ASN D 58 -14.01 -5.77 5.66
CA ASN D 58 -14.94 -5.02 4.83
C ASN D 58 -14.20 -4.39 3.67
N PRO D 59 -14.63 -4.58 2.42
CA PRO D 59 -13.99 -3.84 1.32
C PRO D 59 -14.14 -2.33 1.46
N TYR D 60 -15.15 -1.86 2.18
CA TYR D 60 -15.32 -0.43 2.40
C TYR D 60 -14.18 0.13 3.26
N PHE D 61 -13.88 -0.52 4.38
CA PHE D 61 -12.88 0.02 5.29
C PHE D 61 -11.46 -0.21 4.81
N VAL D 62 -11.26 -1.11 3.85
CA VAL D 62 -9.95 -1.25 3.22
C VAL D 62 -9.68 -0.05 2.31
N ALA D 63 -10.67 0.32 1.50
CA ALA D 63 -10.56 1.54 0.71
C ALA D 63 -10.32 2.76 1.59
N MET D 64 -10.89 2.76 2.80
CA MET D 64 -10.57 3.81 3.75
C MET D 64 -9.10 3.73 4.18
N LYS D 65 -8.65 2.53 4.54
CA LYS D 65 -7.26 2.35 4.95
C LYS D 65 -6.30 2.75 3.85
N ASP D 66 -6.60 2.34 2.61
CA ASP D 66 -5.69 2.62 1.51
C ASP D 66 -5.54 4.12 1.29
N GLY D 67 -6.66 4.81 1.09
CA GLY D 67 -6.60 6.25 0.86
C GLY D 67 -5.97 7.01 2.01
N ILE D 68 -6.10 6.49 3.23
CA ILE D 68 -5.41 7.07 4.37
C ILE D 68 -3.91 6.78 4.28
N ASP D 69 -3.55 5.55 3.91
CA ASP D 69 -2.14 5.21 3.77
C ASP D 69 -1.49 5.95 2.61
N LYS D 70 -2.24 6.22 1.55
CA LYS D 70 -1.69 7.01 0.44
C LYS D 70 -1.45 8.46 0.87
N TYR D 71 -2.34 9.01 1.69
CA TYR D 71 -2.13 10.37 2.19
C TYR D 71 -0.86 10.46 3.03
N ALA D 72 -0.58 9.42 3.82
CA ALA D 72 0.60 9.43 4.67
C ALA D 72 1.89 9.35 3.86
N SER D 73 1.87 8.59 2.77
CA SER D 73 3.06 8.46 1.93
C SER D 73 3.35 9.77 1.20
N ASN D 74 2.30 10.47 0.75
CA ASN D 74 2.48 11.71 0.02
C ASN D 74 2.88 12.86 0.95
N LYS D 75 2.30 12.91 2.15
CA LYS D 75 2.51 14.03 3.06
C LYS D 75 3.30 13.63 4.31
N LYS D 76 4.24 12.70 4.16
CA LYS D 76 5.25 12.34 5.17
C LYS D 76 4.70 12.32 6.61
N ILE D 77 3.69 11.47 6.81
CA ILE D 77 3.05 11.32 8.12
C ILE D 77 3.20 9.89 8.59
N SER D 78 3.63 9.73 9.85
CA SER D 78 3.70 8.42 10.47
C SER D 78 2.30 7.94 10.83
N ILE D 79 2.04 6.65 10.59
CA ILE D 79 0.70 6.10 10.78
C ILE D 79 0.82 4.68 11.33
N LYS D 80 0.08 4.39 12.40
CA LYS D 80 -0.04 3.05 12.96
C LYS D 80 -1.51 2.66 12.94
N VAL D 81 -1.86 1.64 12.16
CA VAL D 81 -3.25 1.23 11.98
C VAL D 81 -3.52 0.01 12.84
N ALA D 82 -4.77 -0.09 13.34
CA ALA D 82 -5.14 -1.15 14.27
C ALA D 82 -6.53 -1.67 13.92
N ASP D 83 -6.60 -2.92 13.46
CA ASP D 83 -7.86 -3.57 13.11
C ASP D 83 -8.48 -4.14 14.39
N ALA D 84 -9.52 -3.45 14.89
CA ALA D 84 -10.20 -3.87 16.12
C ALA D 84 -11.07 -5.09 15.90
N GLN D 85 -11.35 -5.46 14.65
CA GLN D 85 -12.19 -6.62 14.32
C GLN D 85 -13.53 -6.56 15.06
N ASP D 86 -14.15 -5.38 15.01
CA ASP D 86 -15.50 -5.15 15.52
C ASP D 86 -15.65 -5.56 16.98
N ASP D 87 -14.54 -5.55 17.71
CA ASP D 87 -14.55 -5.81 19.15
C ASP D 87 -14.32 -4.48 19.87
N ALA D 88 -15.33 -4.05 20.62
CA ALA D 88 -15.19 -2.84 21.43
C ALA D 88 -14.06 -2.97 22.44
N ALA D 89 -13.84 -4.17 22.97
CA ALA D 89 -12.76 -4.38 23.92
C ALA D 89 -11.40 -4.31 23.23
N ARG D 90 -11.29 -4.87 22.01
CA ARG D 90 -10.04 -4.74 21.27
C ARG D 90 -9.76 -3.28 20.93
N GLN D 91 -10.79 -2.55 20.50
CA GLN D 91 -10.61 -1.12 20.20
C GLN D 91 -10.22 -0.35 21.46
N ALA D 92 -10.80 -0.71 22.60
CA ALA D 92 -10.43 -0.06 23.85
C ALA D 92 -8.96 -0.29 24.18
N ASP D 93 -8.47 -1.51 23.96
CA ASP D 93 -7.04 -1.77 24.21
C ASP D 93 -6.17 -1.19 23.10
N ASP D 94 -6.69 -1.10 21.88
CA ASP D 94 -5.90 -0.54 20.79
C ASP D 94 -5.63 0.94 21.00
N VAL D 95 -6.54 1.65 21.65
CA VAL D 95 -6.34 3.08 21.90
C VAL D 95 -5.54 3.31 23.18
N GLN D 96 -5.71 2.47 24.20
CA GLN D 96 -4.87 2.57 25.39
C GLN D 96 -3.41 2.30 25.06
N ASN D 97 -3.17 1.53 24.00
CA ASN D 97 -1.81 1.33 23.52
C ASN D 97 -1.34 2.52 22.69
N PHE D 98 -2.19 3.04 21.82
CA PHE D 98 -1.87 4.28 21.12
C PHE D 98 -1.67 5.43 22.10
N ILE D 99 -2.37 5.38 23.23
CA ILE D 99 -2.18 6.36 24.29
C ILE D 99 -0.76 6.24 24.85
N SER D 100 -0.33 5.02 25.15
CA SER D 100 0.97 4.79 25.78
C SER D 100 2.12 4.80 24.77
N GLN D 101 1.85 4.88 23.47
CA GLN D 101 2.89 5.02 22.47
C GLN D 101 3.14 6.46 22.06
N ASN D 102 2.26 7.38 22.48
CA ASN D 102 2.39 8.81 22.21
C ASN D 102 2.37 9.16 20.73
N VAL D 103 1.29 8.82 20.05
CA VAL D 103 1.00 9.40 18.74
C VAL D 103 0.41 10.78 18.97
N ASP D 104 0.59 11.67 18.00
CA ASP D 104 0.12 13.04 18.15
C ASP D 104 -1.39 13.16 17.98
N ALA D 105 -2.03 12.22 17.28
CA ALA D 105 -3.47 12.25 17.07
C ALA D 105 -3.98 10.84 16.86
N ILE D 106 -5.17 10.55 17.39
CA ILE D 106 -5.79 9.24 17.29
C ILE D 106 -7.03 9.36 16.42
N LEU D 107 -7.06 8.62 15.30
CA LEU D 107 -8.20 8.58 14.39
C LEU D 107 -9.00 7.32 14.69
N ILE D 108 -10.21 7.49 15.21
CA ILE D 108 -11.03 6.39 15.71
C ILE D 108 -12.22 6.18 14.78
N ASN D 109 -12.50 4.91 14.48
CA ASN D 109 -13.71 4.48 13.77
C ASN D 109 -14.50 3.63 14.74
N PRO D 110 -15.32 4.25 15.59
CA PRO D 110 -15.83 3.56 16.80
C PRO D 110 -16.60 2.29 16.49
N VAL D 111 -16.16 1.19 17.11
CA VAL D 111 -16.93 -0.05 17.05
C VAL D 111 -18.27 0.12 17.76
N ASP D 112 -18.30 0.95 18.79
CA ASP D 112 -19.50 1.15 19.60
C ASP D 112 -19.50 2.61 20.04
N SER D 113 -20.42 3.41 19.51
CA SER D 113 -20.43 4.83 19.81
C SER D 113 -20.72 5.10 21.29
N LYS D 114 -21.50 4.24 21.93
CA LYS D 114 -21.81 4.44 23.34
C LYS D 114 -20.70 3.92 24.25
N ALA D 115 -20.01 2.85 23.83
CA ALA D 115 -18.93 2.27 24.63
C ALA D 115 -17.59 2.93 24.41
N ILE D 116 -17.41 3.65 23.30
CA ILE D 116 -16.12 4.28 23.02
C ILE D 116 -15.89 5.52 23.89
N VAL D 117 -16.94 6.07 24.49
CA VAL D 117 -16.80 7.32 25.26
C VAL D 117 -15.78 7.17 26.38
N THR D 118 -15.57 5.94 26.87
CA THR D 118 -14.59 5.72 27.93
C THR D 118 -13.17 5.94 27.43
N ALA D 119 -12.86 5.41 26.24
CA ALA D 119 -11.51 5.51 25.70
C ALA D 119 -11.18 6.92 25.22
N ILE D 120 -12.16 7.65 24.66
CA ILE D 120 -11.93 9.04 24.31
C ILE D 120 -11.59 9.85 25.56
N LYS D 121 -12.29 9.59 26.66
CA LYS D 121 -11.96 10.22 27.93
C LYS D 121 -10.58 9.81 28.41
N SER D 122 -10.17 8.56 28.10
CA SER D 122 -8.81 8.13 28.47
C SER D 122 -7.76 8.92 27.69
N ALA D 123 -8.05 9.26 26.43
CA ALA D 123 -7.16 10.12 25.66
C ALA D 123 -7.29 11.59 26.05
N ASN D 124 -8.43 11.99 26.60
CA ASN D 124 -8.57 13.36 27.08
C ASN D 124 -7.68 13.63 28.28
N ASN D 125 -7.46 12.62 29.12
CA ASN D 125 -6.55 12.77 30.25
C ASN D 125 -5.10 12.84 29.80
N ALA D 126 -4.71 11.99 28.84
CA ALA D 126 -3.37 11.99 28.28
C ALA D 126 -3.13 13.11 27.29
N ASN D 127 -4.14 13.94 27.01
CA ASN D 127 -4.07 15.07 26.09
C ASN D 127 -3.60 14.63 24.70
N ILE D 128 -4.37 13.72 24.11
CA ILE D 128 -4.20 13.28 22.74
C ILE D 128 -5.43 13.72 21.94
N PRO D 129 -5.28 14.52 20.90
CA PRO D 129 -6.45 14.95 20.11
C PRO D 129 -7.06 13.76 19.37
N VAL D 130 -8.38 13.66 19.44
CA VAL D 130 -9.13 12.51 18.91
C VAL D 130 -9.92 12.98 17.69
N ILE D 131 -9.82 12.23 16.60
CA ILE D 131 -10.57 12.47 15.37
C ILE D 131 -11.43 11.24 15.10
N LEU D 132 -12.68 11.47 14.71
CA LEU D 132 -13.62 10.39 14.43
C LEU D 132 -13.95 10.37 12.94
N MET D 133 -14.17 9.16 12.41
CA MET D 133 -14.47 8.99 11.00
C MET D 133 -15.53 7.92 10.80
N ASP D 134 -16.47 8.20 9.88
CA ASP D 134 -17.52 7.28 9.43
C ASP D 134 -18.58 7.05 10.51
N ARG D 135 -18.19 7.15 11.78
CA ARG D 135 -19.12 7.01 12.89
C ARG D 135 -18.81 8.07 13.94
N GLY D 136 -19.78 8.33 14.81
CA GLY D 136 -19.66 9.35 15.81
C GLY D 136 -19.48 8.79 17.21
N SER D 137 -19.88 9.59 18.20
CA SER D 137 -19.76 9.17 19.60
C SER D 137 -20.86 9.83 20.41
N GLU D 138 -21.31 9.11 21.44
CA GLU D 138 -22.31 9.67 22.35
C GLU D 138 -21.74 10.76 23.25
N GLY D 139 -20.42 10.80 23.42
CA GLY D 139 -19.82 11.78 24.27
C GLY D 139 -18.32 11.84 24.10
N GLY D 140 -17.64 12.34 25.12
CA GLY D 140 -16.20 12.54 25.07
C GLY D 140 -15.82 13.80 24.31
N LYS D 141 -14.58 14.21 24.50
CA LYS D 141 -14.03 15.37 23.79
C LYS D 141 -13.40 14.87 22.49
N VAL D 142 -14.00 15.26 21.37
CA VAL D 142 -13.46 14.96 20.05
C VAL D 142 -13.15 16.27 19.36
N LEU D 143 -12.17 16.25 18.47
CA LEU D 143 -11.74 17.44 17.75
C LEU D 143 -12.59 17.66 16.50
N THR D 144 -12.79 16.62 15.71
CA THR D 144 -13.60 16.68 14.50
C THR D 144 -14.23 15.32 14.24
N THR D 145 -15.33 15.33 13.50
CA THR D 145 -16.02 14.11 13.09
C THR D 145 -16.30 14.21 11.60
N VAL D 146 -15.85 13.21 10.84
CA VAL D 146 -16.09 13.16 9.40
C VAL D 146 -16.89 11.89 9.11
N ALA D 147 -18.04 12.05 8.46
CA ALA D 147 -18.93 10.92 8.17
C ALA D 147 -19.97 11.36 7.15
N SER D 148 -20.67 10.37 6.60
CA SER D 148 -21.82 10.65 5.75
C SER D 148 -23.02 11.00 6.61
N ASP D 149 -24.03 11.63 5.99
CA ASP D 149 -25.30 11.90 6.64
C ASP D 149 -26.10 10.60 6.64
N ASN D 150 -25.83 9.76 7.63
CA ASN D 150 -26.38 8.41 7.63
C ASN D 150 -27.90 8.40 7.79
N VAL D 151 -28.49 9.49 8.26
CA VAL D 151 -29.95 9.55 8.32
C VAL D 151 -30.52 9.82 6.94
N ALA D 152 -29.93 10.76 6.20
CA ALA D 152 -30.31 10.96 4.81
C ALA D 152 -30.02 9.73 3.97
N ALA D 153 -28.99 8.96 4.34
CA ALA D 153 -28.69 7.73 3.62
C ALA D 153 -29.81 6.70 3.78
N GLY D 154 -30.24 6.48 5.02
CA GLY D 154 -31.39 5.62 5.25
C GLY D 154 -32.66 6.14 4.58
N LYS D 155 -32.90 7.44 4.67
CA LYS D 155 -34.06 8.03 4.01
C LYS D 155 -33.97 7.87 2.51
N MET D 156 -32.79 8.12 1.94
CA MET D 156 -32.64 8.05 0.49
C MET D 156 -32.98 6.66 -0.04
N ALA D 157 -32.63 5.61 0.71
CA ALA D 157 -32.95 4.26 0.28
C ALA D 157 -34.44 3.95 0.44
N ALA D 158 -35.07 4.52 1.47
CA ALA D 158 -36.52 4.35 1.61
C ALA D 158 -37.26 5.04 0.48
N ASP D 159 -36.75 6.19 0.02
CA ASP D 159 -37.39 6.89 -1.09
C ASP D 159 -37.23 6.11 -2.39
N TYR D 160 -36.05 5.53 -2.62
CA TYR D 160 -35.88 4.73 -3.82
C TYR D 160 -36.80 3.52 -3.83
N ALA D 161 -37.11 2.97 -2.67
CA ALA D 161 -38.04 1.83 -2.62
C ALA D 161 -39.44 2.28 -2.97
N VAL D 162 -39.87 3.45 -2.48
CA VAL D 162 -41.19 3.98 -2.81
C VAL D 162 -41.27 4.30 -4.31
N LYS D 163 -40.28 5.05 -4.81
CA LYS D 163 -40.29 5.47 -6.21
C LYS D 163 -40.31 4.28 -7.16
N LYS D 164 -39.76 3.14 -6.76
CA LYS D 164 -39.65 1.99 -7.65
C LYS D 164 -40.87 1.08 -7.55
N LEU D 165 -41.11 0.49 -6.38
CA LEU D 165 -42.17 -0.50 -6.23
C LEU D 165 -43.48 0.07 -5.69
N GLY D 166 -43.49 1.27 -5.15
CA GLY D 166 -44.72 1.90 -4.73
C GLY D 166 -44.92 1.90 -3.22
N LYS D 167 -46.17 2.16 -2.83
CA LYS D 167 -46.54 2.37 -1.44
C LYS D 167 -46.89 1.05 -0.76
N LYS D 168 -46.57 0.97 0.54
CA LYS D 168 -46.86 -0.20 1.37
C LYS D 168 -46.36 -1.49 0.72
N ALA D 169 -45.22 -1.40 0.05
CA ALA D 169 -44.57 -2.57 -0.53
C ALA D 169 -43.78 -3.32 0.55
N LYS D 170 -43.74 -4.65 0.40
CA LYS D 170 -43.17 -5.49 1.43
C LYS D 170 -41.64 -5.44 1.39
N ALA D 171 -41.04 -5.26 2.57
CA ALA D 171 -39.63 -4.88 2.68
C ALA D 171 -38.95 -5.60 3.82
N PHE D 172 -37.64 -5.77 3.69
CA PHE D 172 -36.77 -6.37 4.70
C PHE D 172 -35.63 -5.41 4.97
N GLU D 173 -35.27 -5.24 6.24
CA GLU D 173 -34.11 -4.43 6.60
C GLU D 173 -33.01 -5.32 7.17
N LEU D 174 -31.81 -5.21 6.60
CA LEU D 174 -30.61 -5.87 7.11
C LEU D 174 -29.74 -4.80 7.77
N SER D 175 -29.86 -4.68 9.08
CA SER D 175 -29.07 -3.71 9.83
C SER D 175 -27.68 -4.27 10.15
N GLY D 176 -26.77 -3.39 10.57
CA GLY D 176 -25.42 -3.81 10.83
C GLY D 176 -25.07 -3.87 12.31
N VAL D 177 -23.81 -3.56 12.64
CA VAL D 177 -23.32 -3.68 14.03
C VAL D 177 -24.17 -2.81 14.93
N PRO D 178 -24.73 -3.36 16.02
CA PRO D 178 -25.72 -2.62 16.81
C PRO D 178 -25.18 -1.36 17.47
N GLY D 179 -23.91 -1.33 17.85
CA GLY D 179 -23.40 -0.17 18.57
C GLY D 179 -23.09 1.01 17.69
N ALA D 180 -22.78 0.76 16.41
CA ALA D 180 -22.29 1.82 15.54
C ALA D 180 -23.34 2.90 15.34
N SER D 181 -22.88 4.15 15.19
CA SER D 181 -23.78 5.25 14.92
C SER D 181 -24.36 5.19 13.51
N ALA D 182 -23.68 4.50 12.58
CA ALA D 182 -24.18 4.44 11.22
C ALA D 182 -25.41 3.55 11.11
N THR D 183 -25.44 2.44 11.84
CA THR D 183 -26.63 1.60 11.85
C THR D 183 -27.82 2.35 12.43
N VAL D 184 -27.63 3.00 13.57
CA VAL D 184 -28.72 3.70 14.23
C VAL D 184 -29.29 4.80 13.33
N ASP D 185 -28.40 5.51 12.61
CA ASP D 185 -28.85 6.63 11.80
C ASP D 185 -29.43 6.17 10.47
N ARG D 186 -28.82 5.16 9.85
CA ARG D 186 -29.41 4.59 8.64
C ARG D 186 -30.77 3.97 8.94
N GLY D 187 -30.91 3.35 10.12
CA GLY D 187 -32.21 2.83 10.52
C GLY D 187 -33.21 3.94 10.80
N LYS D 188 -32.74 5.04 11.41
CA LYS D 188 -33.62 6.17 11.69
C LYS D 188 -34.16 6.77 10.39
N GLY D 189 -33.26 7.16 9.50
CA GLY D 189 -33.69 7.74 8.24
C GLY D 189 -34.59 6.81 7.45
N PHE D 190 -34.26 5.52 7.43
CA PHE D 190 -35.04 4.58 6.64
C PHE D 190 -36.47 4.45 7.19
N HIS D 191 -36.61 4.29 8.51
CA HIS D 191 -37.94 4.10 9.06
C HIS D 191 -38.78 5.38 9.01
N SER D 192 -38.12 6.55 9.05
CA SER D 192 -38.86 7.81 9.02
C SER D 192 -39.76 7.92 7.80
N VAL D 193 -39.38 7.30 6.69
CA VAL D 193 -40.24 7.22 5.52
C VAL D 193 -40.99 5.90 5.48
N ALA D 194 -40.36 4.82 5.94
CA ALA D 194 -40.89 3.48 5.70
C ALA D 194 -42.03 3.11 6.64
N LYS D 195 -42.09 3.69 7.83
CA LYS D 195 -43.12 3.30 8.80
C LYS D 195 -44.53 3.49 8.23
N SER D 196 -44.74 4.51 7.40
CA SER D 196 -46.04 4.76 6.80
C SER D 196 -46.11 4.45 5.32
N LYS D 197 -45.02 4.63 4.58
CA LYS D 197 -45.04 4.48 3.13
C LYS D 197 -44.50 3.13 2.66
N LEU D 198 -44.24 2.21 3.58
CA LEU D 198 -43.77 0.88 3.25
C LEU D 198 -44.41 -0.12 4.22
N ASP D 199 -44.01 -1.39 4.10
CA ASP D 199 -44.59 -2.50 4.86
C ASP D 199 -43.44 -3.38 5.35
N MET D 200 -42.91 -3.08 6.54
CA MET D 200 -41.79 -3.85 7.07
C MET D 200 -42.23 -5.26 7.42
N LEU D 201 -41.62 -6.25 6.78
CA LEU D 201 -41.87 -7.62 7.20
C LEU D 201 -41.10 -7.94 8.47
N SER D 202 -39.79 -7.66 8.47
CA SER D 202 -38.92 -7.92 9.61
C SER D 202 -37.73 -6.99 9.52
N SER D 203 -36.98 -6.91 10.63
CA SER D 203 -35.72 -6.18 10.67
C SER D 203 -34.77 -6.97 11.54
N GLN D 204 -33.81 -7.64 10.92
CA GLN D 204 -32.79 -8.41 11.62
C GLN D 204 -31.42 -7.80 11.35
N SER D 205 -30.50 -7.97 12.29
CA SER D 205 -29.16 -7.44 12.16
C SER D 205 -28.24 -8.53 11.64
N ALA D 206 -27.36 -8.14 10.70
CA ALA D 206 -26.34 -9.04 10.17
C ALA D 206 -24.94 -8.47 10.32
N ASN D 207 -24.75 -7.50 11.23
CA ASN D 207 -23.43 -7.05 11.68
C ASN D 207 -22.54 -6.55 10.55
N PHE D 208 -23.13 -5.95 9.51
CA PHE D 208 -22.39 -5.42 8.37
C PHE D 208 -21.58 -6.50 7.63
N ASP D 209 -21.93 -7.77 7.80
CA ASP D 209 -21.12 -8.88 7.30
C ASP D 209 -21.77 -9.55 6.11
N ARG D 210 -20.96 -9.80 5.06
CA ARG D 210 -21.44 -10.46 3.87
C ARG D 210 -21.99 -11.86 4.16
N ALA D 211 -21.18 -12.68 4.84
CA ALA D 211 -21.54 -14.09 5.02
C ALA D 211 -22.74 -14.25 5.94
N LYS D 212 -22.84 -13.45 6.99
CA LYS D 212 -23.99 -13.55 7.88
C LYS D 212 -25.26 -13.05 7.21
N ALA D 213 -25.13 -12.08 6.30
CA ALA D 213 -26.31 -11.58 5.59
C ALA D 213 -26.87 -12.62 4.63
N LEU D 214 -26.01 -13.47 4.08
CA LEU D 214 -26.49 -14.60 3.27
C LEU D 214 -27.37 -15.51 4.11
N ASN D 215 -26.95 -15.81 5.33
CA ASN D 215 -27.67 -16.76 6.17
C ASN D 215 -29.02 -16.19 6.61
N THR D 216 -29.02 -14.96 7.13
CA THR D 216 -30.26 -14.37 7.64
C THR D 216 -31.27 -14.13 6.52
N THR D 217 -30.80 -13.70 5.34
CA THR D 217 -31.70 -13.47 4.23
C THR D 217 -32.34 -14.77 3.75
N GLN D 218 -31.55 -15.83 3.62
CA GLN D 218 -32.09 -17.11 3.20
C GLN D 218 -33.02 -17.68 4.28
N ASN D 219 -32.70 -17.46 5.55
CA ASN D 219 -33.62 -17.83 6.62
C ASN D 219 -34.87 -16.98 6.61
N MET D 220 -34.82 -15.77 6.01
CA MET D 220 -36.01 -14.93 5.90
C MET D 220 -36.84 -15.31 4.68
N ILE D 221 -36.18 -15.59 3.55
CA ILE D 221 -36.89 -15.95 2.33
C ILE D 221 -37.83 -17.12 2.57
N GLN D 222 -37.41 -18.08 3.40
CA GLN D 222 -38.23 -19.26 3.66
C GLN D 222 -39.60 -18.88 4.21
N GLY D 223 -39.64 -18.01 5.21
CA GLY D 223 -40.91 -17.61 5.79
C GLY D 223 -41.64 -16.48 5.09
N HIS D 224 -40.99 -15.85 4.09
CA HIS D 224 -41.57 -14.70 3.39
C HIS D 224 -41.16 -14.79 1.91
N LYS D 225 -41.79 -15.71 1.19
CA LYS D 225 -41.53 -15.87 -0.24
C LYS D 225 -41.99 -14.66 -1.06
N ASP D 226 -42.86 -13.82 -0.51
CA ASP D 226 -43.44 -12.69 -1.23
C ASP D 226 -42.78 -11.35 -0.89
N VAL D 227 -41.53 -11.38 -0.41
CA VAL D 227 -40.83 -10.14 -0.10
C VAL D 227 -40.51 -9.40 -1.40
N GLN D 228 -40.68 -8.07 -1.39
CA GLN D 228 -40.44 -7.25 -2.57
C GLN D 228 -39.20 -6.39 -2.47
N ILE D 229 -38.85 -5.89 -1.29
CA ILE D 229 -37.70 -5.03 -1.10
C ILE D 229 -36.78 -5.64 -0.05
N ILE D 230 -35.48 -5.42 -0.22
CA ILE D 230 -34.47 -5.70 0.79
C ILE D 230 -33.58 -4.47 0.91
N PHE D 231 -33.68 -3.77 2.03
CA PHE D 231 -32.76 -2.68 2.35
C PHE D 231 -31.60 -3.24 3.16
N ALA D 232 -30.40 -3.09 2.64
CA ALA D 232 -29.18 -3.51 3.34
C ALA D 232 -28.39 -2.26 3.69
N GLN D 233 -28.12 -2.08 4.99
CA GLN D 233 -27.49 -0.84 5.45
C GLN D 233 -26.06 -0.68 4.99
N ASN D 234 -25.45 -1.71 4.40
CA ASN D 234 -24.17 -1.54 3.73
C ASN D 234 -24.11 -2.46 2.52
N ASP D 235 -23.15 -2.20 1.63
CA ASP D 235 -23.02 -2.98 0.41
C ASP D 235 -22.61 -4.42 0.69
N GLU D 236 -21.86 -4.66 1.76
CA GLU D 236 -21.43 -6.01 2.05
C GLU D 236 -22.62 -6.91 2.36
N MET D 237 -23.55 -6.43 3.19
CA MET D 237 -24.77 -7.18 3.45
C MET D 237 -25.66 -7.25 2.22
N ALA D 238 -25.48 -6.33 1.27
CA ALA D 238 -26.32 -6.34 0.07
C ALA D 238 -26.00 -7.53 -0.83
N LEU D 239 -24.71 -7.82 -1.04
CA LEU D 239 -24.34 -8.95 -1.90
C LEU D 239 -24.60 -10.28 -1.21
N GLY D 240 -24.57 -10.31 0.12
CA GLY D 240 -25.04 -11.51 0.80
C GLY D 240 -26.51 -11.79 0.54
N ALA D 241 -27.34 -10.75 0.60
CA ALA D 241 -28.76 -10.93 0.31
C ALA D 241 -28.99 -11.24 -1.17
N ALA D 242 -28.17 -10.66 -2.06
CA ALA D 242 -28.37 -10.88 -3.49
C ALA D 242 -27.97 -12.29 -3.90
N GLN D 243 -26.98 -12.87 -3.23
CA GLN D 243 -26.68 -14.28 -3.46
C GLN D 243 -27.82 -15.16 -2.98
N ALA D 244 -28.38 -14.87 -1.80
CA ALA D 244 -29.44 -15.72 -1.26
C ALA D 244 -30.72 -15.63 -2.08
N VAL D 245 -30.94 -14.51 -2.77
CA VAL D 245 -32.14 -14.34 -3.58
C VAL D 245 -32.02 -15.08 -4.89
N LYS D 246 -30.88 -14.92 -5.58
CA LYS D 246 -30.65 -15.66 -6.82
C LYS D 246 -30.69 -17.16 -6.57
N SER D 247 -30.05 -17.62 -5.50
CA SER D 247 -30.03 -19.04 -5.14
C SER D 247 -31.42 -19.57 -4.79
N ALA D 248 -32.41 -18.69 -4.58
CA ALA D 248 -33.76 -19.12 -4.20
C ALA D 248 -34.78 -18.88 -5.31
N GLY D 249 -34.34 -18.46 -6.50
CA GLY D 249 -35.20 -18.32 -7.64
C GLY D 249 -35.97 -17.02 -7.74
N LEU D 250 -36.12 -16.28 -6.64
CA LEU D 250 -36.82 -15.00 -6.69
C LEU D 250 -36.11 -14.05 -7.64
N GLN D 251 -36.86 -13.52 -8.60
CA GLN D 251 -36.28 -12.65 -9.62
C GLN D 251 -36.82 -11.23 -9.57
N ASN D 252 -37.86 -10.97 -8.78
CA ASN D 252 -38.48 -9.67 -8.75
C ASN D 252 -38.33 -9.05 -7.36
N VAL D 253 -37.09 -8.95 -6.90
CA VAL D 253 -36.79 -8.42 -5.57
C VAL D 253 -35.86 -7.24 -5.73
N LEU D 254 -36.20 -6.13 -5.09
CA LEU D 254 -35.38 -4.93 -5.13
C LEU D 254 -34.41 -4.98 -3.97
N ILE D 255 -33.12 -4.72 -4.26
CA ILE D 255 -32.08 -4.75 -3.24
C ILE D 255 -31.32 -3.43 -3.28
N VAL D 256 -31.42 -2.65 -2.20
CA VAL D 256 -30.73 -1.38 -2.08
C VAL D 256 -29.63 -1.51 -1.04
N GLY D 257 -28.47 -0.94 -1.34
CA GLY D 257 -27.35 -0.97 -0.43
C GLY D 257 -26.84 0.42 -0.14
N ILE D 258 -25.77 0.45 0.65
CA ILE D 258 -25.04 1.67 0.99
C ILE D 258 -23.57 1.33 0.96
N ASP D 259 -22.76 2.17 0.28
CA ASP D 259 -21.30 2.24 0.31
C ASP D 259 -20.75 2.80 -1.01
N GLY D 260 -21.18 2.24 -2.13
CA GLY D 260 -20.58 2.56 -3.40
C GLY D 260 -19.45 1.64 -3.78
N GLN D 261 -19.40 0.46 -3.17
CA GLN D 261 -18.35 -0.52 -3.43
C GLN D 261 -18.27 -0.83 -4.92
N PRO D 262 -17.06 -0.95 -5.48
CA PRO D 262 -16.95 -1.37 -6.89
C PRO D 262 -17.69 -2.67 -7.18
N ASP D 263 -17.56 -3.68 -6.31
CA ASP D 263 -18.33 -4.91 -6.50
C ASP D 263 -19.82 -4.63 -6.54
N ALA D 264 -20.28 -3.61 -5.83
CA ALA D 264 -21.70 -3.27 -5.84
C ALA D 264 -22.12 -2.68 -7.18
N HIS D 265 -21.23 -1.92 -7.83
CA HIS D 265 -21.56 -1.41 -9.16
C HIS D 265 -21.74 -2.54 -10.15
N ASP D 266 -20.98 -3.63 -10.00
CA ASP D 266 -21.11 -4.75 -10.93
C ASP D 266 -22.41 -5.50 -10.69
N ALA D 267 -22.81 -5.66 -9.43
CA ALA D 267 -24.08 -6.31 -9.15
C ALA D 267 -25.25 -5.53 -9.73
N ILE D 268 -25.12 -4.21 -9.82
CA ILE D 268 -26.17 -3.38 -10.42
C ILE D 268 -26.27 -3.67 -11.91
N LYS D 269 -25.13 -3.63 -12.60
CA LYS D 269 -25.13 -3.92 -14.04
C LYS D 269 -25.59 -5.35 -14.31
N LYS D 270 -25.11 -6.30 -13.51
CA LYS D 270 -25.53 -7.69 -13.67
C LYS D 270 -27.02 -7.86 -13.32
N GLY D 271 -27.53 -7.02 -12.42
CA GLY D 271 -28.91 -7.11 -11.99
C GLY D 271 -29.12 -7.77 -10.64
N ASP D 272 -28.04 -8.17 -9.96
CA ASP D 272 -28.17 -8.80 -8.65
C ASP D 272 -28.76 -7.84 -7.61
N ILE D 273 -28.39 -6.56 -7.68
CA ILE D 273 -28.97 -5.53 -6.83
C ILE D 273 -29.44 -4.39 -7.71
N SER D 274 -30.36 -3.59 -7.16
CA SER D 274 -31.00 -2.52 -7.91
C SER D 274 -30.31 -1.16 -7.77
N ALA D 275 -29.80 -0.82 -6.58
CA ALA D 275 -29.14 0.45 -6.40
C ALA D 275 -28.24 0.37 -5.17
N THR D 276 -27.46 1.43 -4.97
CA THR D 276 -26.64 1.56 -3.77
C THR D 276 -26.45 3.05 -3.51
N ILE D 277 -26.39 3.40 -2.22
CA ILE D 277 -25.99 4.73 -1.80
C ILE D 277 -24.47 4.73 -1.70
N ALA D 278 -23.82 5.67 -2.38
CA ALA D 278 -22.37 5.69 -2.47
C ALA D 278 -21.79 6.71 -1.49
N GLN D 279 -20.95 6.23 -0.56
CA GLN D 279 -20.16 7.06 0.34
C GLN D 279 -18.80 7.31 -0.28
N GLN D 280 -17.96 8.01 0.48
CA GLN D 280 -16.62 8.45 0.07
C GLN D 280 -15.62 8.05 1.14
N PRO D 281 -15.17 6.79 1.15
CA PRO D 281 -14.31 6.32 2.26
C PRO D 281 -12.88 6.86 2.29
N ALA D 282 -12.10 6.72 1.20
CA ALA D 282 -10.76 7.30 1.18
C ALA D 282 -10.80 8.79 1.48
N LYS D 283 -11.66 9.52 0.74
CA LYS D 283 -11.81 10.96 0.94
C LYS D 283 -12.23 11.30 2.36
N MET D 284 -13.11 10.48 2.96
CA MET D 284 -13.43 10.61 4.38
C MET D 284 -12.16 10.60 5.23
N GLY D 285 -11.30 9.60 4.99
CA GLY D 285 -10.05 9.50 5.72
C GLY D 285 -8.96 10.43 5.24
N GLU D 286 -9.06 10.94 4.00
CA GLU D 286 -8.10 11.93 3.53
C GLU D 286 -8.12 13.17 4.41
N ILE D 287 -9.32 13.70 4.69
CA ILE D 287 -9.44 14.89 5.54
C ILE D 287 -9.45 14.53 7.02
N ALA D 288 -9.38 13.24 7.35
CA ALA D 288 -9.14 12.86 8.74
C ALA D 288 -7.67 13.01 9.10
N ILE D 289 -6.77 12.81 8.14
CA ILE D 289 -5.37 13.14 8.35
C ILE D 289 -5.16 14.65 8.31
N GLN D 290 -5.85 15.33 7.39
CA GLN D 290 -5.69 16.77 7.28
C GLN D 290 -6.17 17.48 8.55
N ALA D 291 -7.18 16.92 9.21
CA ALA D 291 -7.63 17.50 10.47
C ALA D 291 -6.61 17.33 11.58
N ALA D 292 -5.68 16.38 11.43
CA ALA D 292 -4.54 16.30 12.34
C ALA D 292 -3.45 17.28 11.95
N ILE D 293 -3.16 17.38 10.65
CA ILE D 293 -2.17 18.33 10.17
C ILE D 293 -2.57 19.75 10.58
N ASP D 294 -3.86 20.06 10.53
CA ASP D 294 -4.31 21.42 10.81
C ASP D 294 -4.25 21.75 12.30
N TYR D 295 -4.60 20.79 13.16
CA TYR D 295 -4.43 20.98 14.59
C TYR D 295 -2.98 21.30 14.92
N TYR D 296 -2.04 20.62 14.26
CA TYR D 296 -0.62 20.83 14.47
C TYR D 296 -0.03 21.79 13.43
N LYS D 297 -0.86 22.68 12.89
CA LYS D 297 -0.42 23.83 12.12
C LYS D 297 -0.91 25.13 12.72
N GLY D 298 -1.64 25.08 13.84
CA GLY D 298 -2.19 26.25 14.48
C GLY D 298 -3.62 26.57 14.14
N LYS D 299 -4.26 25.79 13.29
CA LYS D 299 -5.57 26.10 12.73
C LYS D 299 -6.68 25.39 13.51
N LYS D 300 -7.89 25.95 13.41
CA LYS D 300 -9.07 25.38 14.02
C LYS D 300 -9.83 24.51 13.03
N VAL D 301 -10.32 23.38 13.51
CA VAL D 301 -10.97 22.39 12.67
C VAL D 301 -12.47 22.42 12.91
N GLU D 302 -13.23 22.15 11.86
CA GLU D 302 -14.68 22.08 11.98
C GLU D 302 -15.07 20.87 12.82
N LYS D 303 -15.89 21.09 13.85
CA LYS D 303 -16.28 20.03 14.76
C LYS D 303 -16.97 18.87 14.04
N GLU D 304 -17.55 19.12 12.88
CA GLU D 304 -18.21 18.08 12.08
C GLU D 304 -18.06 18.45 10.61
N THR D 305 -17.77 17.45 9.78
CA THR D 305 -17.71 17.64 8.33
C THR D 305 -18.41 16.46 7.67
N ILE D 306 -19.53 16.75 7.01
CA ILE D 306 -20.39 15.72 6.44
C ILE D 306 -19.89 15.35 5.05
N SER D 307 -19.65 14.06 4.83
CA SER D 307 -19.27 13.66 3.48
C SER D 307 -20.53 13.41 2.64
N PRO D 308 -20.54 13.84 1.39
CA PRO D 308 -21.74 13.68 0.57
C PRO D 308 -22.00 12.24 0.19
N ILE D 309 -23.26 11.97 -0.17
CA ILE D 309 -23.70 10.67 -0.65
C ILE D 309 -24.35 10.86 -2.01
N TYR D 310 -24.27 9.84 -2.85
CA TYR D 310 -24.89 9.86 -4.17
C TYR D 310 -25.56 8.52 -4.43
N LEU D 311 -26.78 8.57 -4.97
CA LEU D 311 -27.46 7.36 -5.39
C LEU D 311 -26.86 6.83 -6.69
N VAL D 312 -26.79 5.52 -6.82
CA VAL D 312 -26.26 4.89 -8.01
C VAL D 312 -27.25 3.84 -8.48
N THR D 313 -27.79 4.02 -9.69
CA THR D 313 -28.64 3.01 -10.31
C THR D 313 -27.98 2.52 -11.59
N LYS D 314 -28.74 1.86 -12.47
CA LYS D 314 -28.18 1.46 -13.75
C LYS D 314 -27.98 2.63 -14.70
N ASP D 315 -28.42 3.83 -14.32
CA ASP D 315 -28.12 5.05 -15.06
C ASP D 315 -26.89 5.78 -14.53
N ASN D 316 -26.36 5.37 -13.37
CA ASN D 316 -25.23 6.02 -12.74
C ASN D 316 -24.00 5.12 -12.63
N VAL D 317 -24.07 3.87 -13.11
CA VAL D 317 -23.12 2.83 -12.71
C VAL D 317 -21.68 3.27 -12.96
N GLU D 318 -21.44 3.95 -14.07
CA GLU D 318 -20.09 4.41 -14.40
C GLU D 318 -19.65 5.60 -13.58
N LYS D 319 -20.49 6.12 -12.69
CA LYS D 319 -20.21 7.34 -11.96
C LYS D 319 -20.04 7.06 -10.47
N TYR D 320 -19.41 8.01 -9.79
CA TYR D 320 -19.30 8.03 -8.32
C TYR D 320 -18.61 6.78 -7.79
N ASN D 321 -17.55 6.36 -8.46
CA ASN D 321 -16.78 5.20 -8.07
C ASN D 321 -15.62 5.60 -7.16
N TRP D 322 -15.12 4.63 -6.40
CA TRP D 322 -13.97 4.85 -5.53
C TRP D 322 -12.68 4.82 -6.33
#